data_7BKQ
#
_entry.id   7BKQ
#
_cell.length_a   1.00
_cell.length_b   1.00
_cell.length_c   1.00
_cell.angle_alpha   90.00
_cell.angle_beta   90.00
_cell.angle_gamma   90.00
#
_symmetry.space_group_name_H-M   'P 1'
#
loop_
_entity.id
_entity.type
_entity.pdbx_description
1 polymer 'Isoform 2 of Interferon-induced helicase C domain-containing protein 1'
2 polymer "RNA (5'-R(P*UP*CP*CP*AP*UP*GP*CP*GP*CP*AP*UP*GP*AP*CP*G)-3')"
3 polymer "RNA (5'-R(P*CP*GP*UP*CP*AP*UP*GP*CP*GP*CP*AP*UP*GP*GP*A)-3')"
4 non-polymer 'ZINC ION'
5 non-polymer "ADENOSINE-5'-DIPHOSPHATE"
#
loop_
_entity_poly.entity_id
_entity_poly.type
_entity_poly.pdbx_seq_one_letter_code
_entity_poly.pdbx_strand_id
1 'polypeptide(L)'
;LQLRPYQMEVAQPALDGKNIIICLPTGSGKTRVAVYITKDHLDKKKQASESGKVIVLVNKVMLAEQLFRKEFNPYLKKWY
RIIGLSGDTQLKISFPEVVKSYDVIISTAQILENSLLNLESGDDDGVQLSDFSLIIIDECHHTNKEAVYNNIMRRYLKQK
LRNNDLKKQNKPAIPLPQILGLTASPGVGAAKKQSEAEKHILNICANLDAFTIKTVKENLGQLKHQIKEPCKKFVIADDT
RENPFKEKLLEIMASIQTYCQKSPMSDFGTQHYEQWAIQMEKKAAKDGNRKDRVCAEHLRKYNEALQINDTIRMIDAYSH
LETFYTDEKEKKFAVLNDSDKSDDEASSCNDQLKGDVKKSLKLDETDEFLMNLFFDNKKMLKKLAENPKYENEKLIKLRN
TILEQFTRSEESSRGIIFTKTRQSTYALSQWIMENAKFAEVGVKAHHLIGAGHSSEVKPMTQTEQKEVISKFRTGEINLL
IATTVAEEGLDIKECNIVIRYGLVTNEIAMVQARGRARADESTYVLVTSSGSGVTEREIVNDFREKMMYKAINRVQNMKP
EEYAHKILELQVQSILEKKMKVKRSIAKQYNDNPSLITLLCKNCSMLVCSGENIHVIEKMHHVNMTPEFKGLYIVRENKA
LQKKFADYQTNGEIICKCGQAWGTMMVHKGLDLPCLKIRNFVVNFKNNSPKKQYKKWVELPIRFPDLDYSEYCL
;
A
2 'polyribonucleotide' UCCAUGCGCAUGACG X
3 'polyribonucleotide' CGUCAUGCGCAUGGA Y
#
# COMPACT_ATOMS: atom_id res chain seq x y z
N LEU A 1 -21.61 31.49 0.80
CA LEU A 1 -21.05 30.41 1.62
C LEU A 1 -20.65 30.92 3.01
N GLN A 2 -21.59 30.85 3.94
CA GLN A 2 -21.31 31.27 5.30
C GLN A 2 -20.31 30.33 5.95
N LEU A 3 -19.43 30.89 6.77
CA LEU A 3 -18.32 30.17 7.36
C LEU A 3 -18.47 30.13 8.87
N ARG A 4 -18.36 28.95 9.44
CA ARG A 4 -18.47 28.82 10.88
C ARG A 4 -17.40 29.64 11.57
N PRO A 5 -17.62 30.02 12.83
CA PRO A 5 -16.67 30.93 13.49
C PRO A 5 -15.30 30.33 13.68
N TYR A 6 -15.21 29.11 14.23
CA TYR A 6 -13.90 28.53 14.46
C TYR A 6 -13.17 28.32 13.15
N GLN A 7 -13.92 28.10 12.07
CA GLN A 7 -13.32 28.02 10.75
C GLN A 7 -12.87 29.39 10.26
N MET A 8 -13.57 30.44 10.68
CA MET A 8 -13.29 31.77 10.16
C MET A 8 -11.85 32.18 10.45
N GLU A 9 -11.49 32.21 11.72
CA GLU A 9 -10.19 32.75 12.11
C GLU A 9 -9.06 31.91 11.54
N VAL A 10 -9.20 30.58 11.59
CA VAL A 10 -8.14 29.72 11.11
C VAL A 10 -7.90 29.96 9.63
N ALA A 11 -8.95 30.26 8.88
CA ALA A 11 -8.76 30.56 7.48
C ALA A 11 -8.17 31.93 7.27
N GLN A 12 -8.46 32.86 8.18
CA GLN A 12 -8.18 34.27 7.96
C GLN A 12 -6.80 34.55 7.37
N PRO A 13 -5.72 33.97 7.89
CA PRO A 13 -4.39 34.22 7.30
C PRO A 13 -4.31 33.87 5.83
N ALA A 14 -4.94 32.80 5.41
CA ALA A 14 -4.78 32.35 4.04
C ALA A 14 -5.38 33.34 3.07
N LEU A 15 -6.36 34.13 3.50
CA LEU A 15 -6.98 35.12 2.65
C LEU A 15 -6.02 36.26 2.36
N ASP A 16 -4.96 36.38 3.14
CA ASP A 16 -3.92 37.36 2.90
C ASP A 16 -2.81 36.81 2.01
N GLY A 17 -2.94 35.57 1.55
CA GLY A 17 -1.93 34.96 0.72
C GLY A 17 -0.86 34.21 1.47
N LYS A 18 -0.96 34.16 2.79
CA LYS A 18 -0.04 33.34 3.56
C LYS A 18 -0.27 31.87 3.25
N ASN A 19 0.81 31.16 2.96
CA ASN A 19 0.76 29.74 2.61
C ASN A 19 0.86 28.94 3.89
N ILE A 20 -0.29 28.73 4.50
CA ILE A 20 -0.35 28.16 5.82
C ILE A 20 -0.92 26.76 5.76
N ILE A 21 -0.72 26.06 6.85
CA ILE A 21 -1.40 24.79 7.10
C ILE A 21 -2.65 25.06 7.89
N ILE A 22 -3.62 24.16 7.78
CA ILE A 22 -4.88 24.26 8.49
C ILE A 22 -5.24 22.86 8.95
N CYS A 23 -5.06 22.58 10.23
CA CYS A 23 -5.40 21.29 10.79
C CYS A 23 -6.62 21.44 11.68
N LEU A 24 -7.61 20.56 11.48
CA LEU A 24 -8.80 20.58 12.30
C LEU A 24 -9.23 19.15 12.57
N PRO A 25 -9.83 18.91 13.73
CA PRO A 25 -10.30 17.58 14.04
C PRO A 25 -11.37 17.12 13.08
N THR A 26 -11.49 15.80 12.98
CA THR A 26 -12.50 15.20 12.14
C THR A 26 -13.90 15.60 12.61
N GLY A 27 -14.83 15.69 11.65
CA GLY A 27 -16.19 16.05 11.95
C GLY A 27 -16.45 17.54 11.88
N SER A 28 -15.40 18.34 11.74
CA SER A 28 -15.57 19.77 11.64
C SER A 28 -15.85 20.21 10.21
N GLY A 29 -15.75 19.30 9.25
CA GLY A 29 -16.10 19.64 7.89
C GLY A 29 -15.16 20.70 7.37
N LYS A 30 -13.88 20.36 7.31
CA LYS A 30 -12.88 21.33 6.88
C LYS A 30 -12.94 21.56 5.38
N THR A 31 -13.79 20.82 4.67
CA THR A 31 -13.91 21.05 3.24
C THR A 31 -14.57 22.38 2.94
N ARG A 32 -15.66 22.71 3.63
CA ARG A 32 -16.38 23.94 3.34
C ARG A 32 -15.50 25.14 3.62
N VAL A 33 -14.55 24.99 4.54
CA VAL A 33 -13.56 26.03 4.74
C VAL A 33 -12.67 26.15 3.52
N ALA A 34 -12.30 25.02 2.95
CA ALA A 34 -11.47 25.04 1.76
C ALA A 34 -12.19 25.74 0.62
N VAL A 35 -13.48 25.46 0.47
CA VAL A 35 -14.27 26.14 -0.54
C VAL A 35 -14.22 27.64 -0.32
N TYR A 36 -14.39 28.06 0.94
CA TYR A 36 -14.39 29.49 1.21
C TYR A 36 -13.07 30.09 0.77
N ILE A 37 -11.98 29.39 1.05
CA ILE A 37 -10.67 29.91 0.67
C ILE A 37 -10.55 30.01 -0.84
N THR A 38 -10.97 28.96 -1.53
CA THR A 38 -10.82 28.92 -2.98
C THR A 38 -11.68 29.99 -3.64
N LYS A 39 -12.93 30.05 -3.23
CA LYS A 39 -13.84 31.03 -3.79
C LYS A 39 -13.33 32.44 -3.53
N ASP A 40 -12.87 32.70 -2.32
CA ASP A 40 -12.32 34.02 -2.00
C ASP A 40 -11.08 34.30 -2.83
N HIS A 41 -10.22 33.30 -2.98
CA HIS A 41 -9.00 33.46 -3.76
C HIS A 41 -9.34 33.72 -5.22
N LEU A 42 -10.33 33.01 -5.75
CA LEU A 42 -10.76 33.24 -7.11
C LEU A 42 -11.36 34.62 -7.28
N ASP A 43 -12.12 35.06 -6.28
CA ASP A 43 -12.71 36.39 -6.33
C ASP A 43 -11.63 37.46 -6.27
N LYS A 44 -10.57 37.21 -5.52
CA LYS A 44 -9.46 38.15 -5.47
C LYS A 44 -8.76 38.20 -6.83
N LYS A 45 -8.53 37.05 -7.45
CA LYS A 45 -7.89 37.03 -8.76
C LYS A 45 -8.84 37.56 -9.82
N LYS A 46 -10.15 37.39 -9.61
CA LYS A 46 -11.14 38.02 -10.46
C LYS A 46 -11.03 39.54 -10.38
N GLN A 47 -10.88 40.07 -9.17
CA GLN A 47 -10.72 41.50 -9.01
C GLN A 47 -9.43 41.98 -9.67
N ALA A 48 -8.36 41.17 -9.55
CA ALA A 48 -7.12 41.47 -10.25
C ALA A 48 -7.18 41.10 -11.72
N SER A 49 -8.14 40.26 -12.12
CA SER A 49 -8.22 39.79 -13.48
C SER A 49 -6.92 39.10 -13.89
N GLU A 50 -6.59 38.04 -13.17
CA GLU A 50 -5.40 37.26 -13.44
C GLU A 50 -5.74 35.78 -13.34
N SER A 51 -4.76 34.95 -13.64
CA SER A 51 -4.98 33.52 -13.78
C SER A 51 -5.29 32.93 -12.41
N GLY A 52 -6.54 32.57 -12.19
CA GLY A 52 -6.92 31.92 -10.96
C GLY A 52 -7.10 30.43 -11.15
N LYS A 53 -6.12 29.66 -10.69
CA LYS A 53 -6.17 28.21 -10.75
C LYS A 53 -6.04 27.65 -9.36
N VAL A 54 -6.85 26.64 -9.07
CA VAL A 54 -6.68 25.82 -7.89
C VAL A 54 -6.55 24.39 -8.37
N ILE A 55 -5.62 23.67 -7.79
CA ILE A 55 -5.39 22.29 -8.17
C ILE A 55 -5.39 21.47 -6.88
N VAL A 56 -6.56 21.00 -6.51
CA VAL A 56 -6.71 20.27 -5.26
C VAL A 56 -6.24 18.84 -5.46
N LEU A 57 -5.55 18.31 -4.45
CA LEU A 57 -4.95 17.01 -4.53
C LEU A 57 -5.39 16.17 -3.35
N VAL A 58 -5.78 14.95 -3.65
CA VAL A 58 -6.05 13.94 -2.64
C VAL A 58 -5.32 12.69 -3.06
N ASN A 59 -4.84 11.94 -2.07
CA ASN A 59 -4.04 10.77 -2.37
C ASN A 59 -4.90 9.62 -2.88
N LYS A 60 -6.14 9.52 -2.40
CA LYS A 60 -7.05 8.47 -2.82
C LYS A 60 -8.06 8.98 -3.82
N VAL A 61 -8.52 8.07 -4.68
CA VAL A 61 -9.48 8.44 -5.71
C VAL A 61 -10.85 8.72 -5.09
N MET A 62 -11.27 7.88 -4.15
CA MET A 62 -12.59 8.04 -3.57
C MET A 62 -12.77 9.42 -2.98
N LEU A 63 -11.73 9.95 -2.33
CA LEU A 63 -11.83 11.30 -1.81
C LEU A 63 -12.13 12.28 -2.92
N ALA A 64 -11.50 12.09 -4.07
CA ALA A 64 -11.69 13.02 -5.18
C ALA A 64 -13.12 12.98 -5.67
N GLU A 65 -13.63 11.78 -5.88
CA GLU A 65 -15.00 11.62 -6.33
C GLU A 65 -15.98 12.21 -5.33
N GLN A 66 -15.70 12.02 -4.03
CA GLN A 66 -16.55 12.59 -3.01
C GLN A 66 -16.55 14.11 -3.09
N LEU A 67 -15.38 14.69 -3.28
CA LEU A 67 -15.29 16.14 -3.38
C LEU A 67 -16.00 16.67 -4.62
N PHE A 68 -15.99 15.91 -5.70
CA PHE A 68 -16.70 16.31 -6.90
C PHE A 68 -18.19 16.10 -6.78
N ARG A 69 -18.61 15.17 -5.93
CA ARG A 69 -20.01 14.80 -5.76
C ARG A 69 -20.74 15.75 -4.82
N LYS A 70 -20.05 16.23 -3.78
CA LYS A 70 -20.75 16.78 -2.63
C LYS A 70 -20.38 18.22 -2.31
N GLU A 71 -19.12 18.61 -2.48
CA GLU A 71 -18.63 19.80 -1.82
C GLU A 71 -18.27 20.92 -2.79
N PHE A 72 -17.38 20.67 -3.74
CA PHE A 72 -16.94 21.76 -4.61
C PHE A 72 -17.98 22.09 -5.67
N ASN A 73 -18.47 21.08 -6.37
CA ASN A 73 -19.39 21.37 -7.46
C ASN A 73 -20.63 22.06 -6.94
N PRO A 74 -21.35 21.51 -5.97
CA PRO A 74 -22.62 22.13 -5.55
C PRO A 74 -22.46 23.58 -5.14
N TYR A 75 -21.34 23.92 -4.51
CA TYR A 75 -21.16 25.29 -4.03
C TYR A 75 -20.72 26.21 -5.16
N LEU A 76 -19.86 25.70 -6.05
CA LEU A 76 -19.33 26.48 -7.14
C LEU A 76 -19.91 26.07 -8.49
N LYS A 77 -20.92 25.20 -8.47
CA LYS A 77 -21.61 24.80 -9.69
C LYS A 77 -21.80 25.97 -10.63
N LYS A 78 -22.11 27.15 -10.08
CA LYS A 78 -22.53 28.27 -10.90
C LYS A 78 -21.35 28.94 -11.57
N TRP A 79 -20.46 29.51 -10.78
CA TRP A 79 -19.52 30.49 -11.32
C TRP A 79 -18.47 29.84 -12.20
N TYR A 80 -17.79 28.83 -11.67
CA TYR A 80 -16.51 28.42 -12.20
C TYR A 80 -16.55 27.02 -12.77
N ARG A 81 -15.54 26.73 -13.60
CA ARG A 81 -15.38 25.42 -14.19
C ARG A 81 -14.73 24.47 -13.21
N ILE A 82 -15.21 23.24 -13.19
CA ILE A 82 -14.70 22.20 -12.31
C ILE A 82 -14.53 20.93 -13.13
N ILE A 83 -13.69 20.04 -12.64
CA ILE A 83 -13.52 18.73 -13.26
C ILE A 83 -13.01 17.75 -12.22
N GLY A 84 -13.68 16.61 -12.11
CA GLY A 84 -13.31 15.59 -11.15
C GLY A 84 -12.32 14.61 -11.74
N LEU A 85 -11.13 15.11 -12.03
CA LEU A 85 -10.11 14.33 -12.71
C LEU A 85 -9.57 13.23 -11.82
N SER A 86 -9.33 12.06 -12.43
CA SER A 86 -8.75 10.93 -11.72
C SER A 86 -8.12 9.98 -12.73
N GLY A 87 -7.36 9.02 -12.22
CA GLY A 87 -6.71 8.08 -13.10
C GLY A 87 -7.67 7.10 -13.71
N ASP A 88 -8.60 6.59 -12.90
CA ASP A 88 -9.51 5.55 -13.35
C ASP A 88 -10.53 6.11 -14.33
N THR A 89 -11.11 7.26 -14.00
CA THR A 89 -12.14 7.87 -14.83
C THR A 89 -11.51 8.37 -16.11
N GLN A 90 -11.83 7.71 -17.21
CA GLN A 90 -11.24 8.07 -18.49
C GLN A 90 -11.61 9.49 -18.84
N LEU A 91 -10.61 10.26 -19.23
CA LEU A 91 -10.78 11.66 -19.61
C LEU A 91 -10.20 11.79 -21.01
N LYS A 92 -11.08 11.98 -21.99
CA LYS A 92 -10.62 12.04 -23.37
C LYS A 92 -9.57 13.09 -23.57
N ILE A 93 -9.65 14.18 -22.82
CA ILE A 93 -8.81 15.35 -23.02
C ILE A 93 -7.68 15.31 -22.02
N SER A 94 -6.46 15.50 -22.51
CA SER A 94 -5.27 15.37 -21.70
C SER A 94 -5.19 16.50 -20.69
N PHE A 95 -4.17 16.41 -19.84
CA PHE A 95 -4.06 17.25 -18.67
C PHE A 95 -3.58 18.66 -18.97
N PRO A 96 -2.62 18.83 -19.85
CA PRO A 96 -2.20 20.19 -20.18
C PRO A 96 -3.37 21.03 -20.64
N GLU A 97 -4.29 20.38 -21.35
CA GLU A 97 -5.46 21.10 -21.86
C GLU A 97 -6.40 21.48 -20.72
N VAL A 98 -6.60 20.57 -19.76
CA VAL A 98 -7.43 20.90 -18.61
C VAL A 98 -6.72 21.89 -17.73
N VAL A 99 -5.41 22.03 -17.91
CA VAL A 99 -4.70 23.12 -17.27
C VAL A 99 -4.98 24.41 -18.00
N LYS A 100 -5.20 24.32 -19.30
CA LYS A 100 -5.58 25.50 -20.07
C LYS A 100 -7.05 25.82 -19.89
N SER A 101 -7.82 24.90 -19.33
CA SER A 101 -9.23 25.13 -19.04
C SER A 101 -9.52 24.71 -17.61
N TYR A 102 -10.81 24.69 -17.27
CA TYR A 102 -11.28 24.09 -16.03
C TYR A 102 -10.57 24.73 -14.83
N ASP A 103 -10.87 26.02 -14.66
CA ASP A 103 -10.16 26.83 -13.68
C ASP A 103 -9.93 26.08 -12.39
N VAL A 104 -10.96 25.39 -11.90
CA VAL A 104 -10.85 24.61 -10.69
C VAL A 104 -10.61 23.15 -11.05
N ILE A 105 -9.81 22.49 -10.24
CA ILE A 105 -9.46 21.11 -10.47
C ILE A 105 -9.49 20.34 -9.17
N ILE A 106 -10.26 19.30 -9.14
CA ILE A 106 -10.00 18.18 -8.26
C ILE A 106 -9.10 17.25 -9.04
N SER A 107 -8.23 16.53 -8.33
CA SER A 107 -7.31 15.67 -9.04
C SER A 107 -6.74 14.65 -8.07
N THR A 108 -5.67 14.00 -8.50
CA THR A 108 -4.99 13.01 -7.72
C THR A 108 -3.52 13.13 -8.03
N ALA A 109 -2.70 12.79 -7.06
CA ALA A 109 -1.32 13.25 -7.05
C ALA A 109 -0.54 12.89 -8.29
N GLN A 110 -0.34 11.59 -8.51
CA GLN A 110 0.65 11.21 -9.49
C GLN A 110 0.19 11.51 -10.90
N ILE A 111 -1.07 11.89 -11.08
CA ILE A 111 -1.48 12.41 -12.38
C ILE A 111 -0.79 13.72 -12.65
N LEU A 112 -0.85 14.62 -11.68
CA LEU A 112 -0.15 15.87 -11.81
C LEU A 112 1.34 15.63 -11.96
N GLU A 113 1.88 14.74 -11.13
CA GLU A 113 3.30 14.49 -11.17
C GLU A 113 3.71 13.88 -12.49
N ASN A 114 2.86 13.01 -13.05
CA ASN A 114 3.14 12.43 -14.34
C ASN A 114 3.19 13.51 -15.41
N SER A 115 2.27 14.47 -15.34
CA SER A 115 2.29 15.56 -16.30
C SER A 115 3.56 16.39 -16.15
N LEU A 116 3.95 16.66 -14.91
CA LEU A 116 5.18 17.41 -14.67
C LEU A 116 6.38 16.62 -15.12
N LEU A 117 6.36 15.31 -14.89
CA LEU A 117 7.39 14.43 -15.43
C LEU A 117 7.46 14.55 -16.94
N ASN A 118 6.31 14.54 -17.60
CA ASN A 118 6.28 14.70 -19.05
C ASN A 118 6.86 16.03 -19.47
N LEU A 119 6.64 17.06 -18.65
CA LEU A 119 7.28 18.34 -18.93
C LEU A 119 8.79 18.21 -18.88
N GLU A 120 9.31 17.49 -17.88
CA GLU A 120 10.74 17.28 -17.80
C GLU A 120 11.20 16.28 -18.85
N SER A 121 10.28 15.44 -19.34
CA SER A 121 10.61 14.49 -20.37
C SER A 121 10.41 15.14 -21.74
N GLY A 122 10.49 14.32 -22.78
CA GLY A 122 10.30 14.80 -24.14
C GLY A 122 8.90 14.56 -24.65
N ASP A 123 7.98 14.24 -23.75
CA ASP A 123 6.60 13.98 -24.15
C ASP A 123 5.97 15.21 -24.79
N ASP A 124 6.45 16.39 -24.40
CA ASP A 124 5.99 17.71 -24.84
C ASP A 124 4.71 18.09 -24.11
N ASP A 125 4.21 17.25 -23.21
CA ASP A 125 3.10 17.60 -22.35
C ASP A 125 3.67 18.33 -21.15
N GLY A 126 3.11 19.49 -20.84
CA GLY A 126 3.75 20.43 -19.94
C GLY A 126 2.78 20.97 -18.91
N VAL A 127 3.33 21.22 -17.74
CA VAL A 127 2.60 21.91 -16.70
C VAL A 127 3.62 22.30 -15.65
N GLN A 128 3.38 23.43 -14.99
CA GLN A 128 4.29 23.85 -13.94
C GLN A 128 3.49 24.36 -12.77
N LEU A 129 4.13 24.37 -11.61
CA LEU A 129 3.58 25.08 -10.48
C LEU A 129 3.34 26.53 -10.83
N SER A 130 4.11 27.06 -11.78
CA SER A 130 3.90 28.43 -12.24
C SER A 130 2.46 28.62 -12.67
N ASP A 131 1.98 27.71 -13.51
CA ASP A 131 0.66 27.85 -14.10
C ASP A 131 -0.39 28.03 -13.04
N PHE A 132 -0.28 27.29 -11.94
CA PHE A 132 -1.22 27.42 -10.84
C PHE A 132 -0.88 28.65 -10.01
N SER A 133 -1.92 29.28 -9.49
CA SER A 133 -1.77 30.36 -8.54
C SER A 133 -2.12 29.92 -7.14
N LEU A 134 -2.53 28.67 -6.97
CA LEU A 134 -2.79 28.13 -5.66
C LEU A 134 -2.71 26.62 -5.75
N ILE A 135 -2.33 26.02 -4.63
CA ILE A 135 -2.43 24.58 -4.46
C ILE A 135 -3.14 24.31 -3.16
N ILE A 136 -3.92 23.25 -3.17
CA ILE A 136 -4.62 22.79 -1.99
C ILE A 136 -4.40 21.31 -1.84
N ILE A 137 -4.23 20.89 -0.60
CA ILE A 137 -3.78 19.55 -0.25
C ILE A 137 -4.66 19.02 0.86
N ASP A 138 -4.71 17.71 0.95
CA ASP A 138 -5.46 17.06 2.00
C ASP A 138 -4.64 15.91 2.54
N GLU A 139 -4.75 15.67 3.84
CA GLU A 139 -3.96 14.67 4.52
C GLU A 139 -2.48 14.96 4.34
N CYS A 140 -2.08 16.17 4.74
CA CYS A 140 -0.69 16.59 4.61
C CYS A 140 0.26 15.71 5.40
N HIS A 141 -0.24 14.93 6.36
CA HIS A 141 0.64 14.12 7.17
C HIS A 141 1.44 13.16 6.30
N HIS A 142 0.94 12.87 5.11
CA HIS A 142 1.63 11.96 4.20
C HIS A 142 2.92 12.57 3.69
N THR A 143 3.06 13.88 3.79
CA THR A 143 4.15 14.61 3.16
C THR A 143 5.40 14.56 4.03
N ASN A 144 5.97 13.37 4.17
CA ASN A 144 7.07 13.16 5.09
C ASN A 144 8.32 12.69 4.36
N LYS A 145 8.10 11.69 3.53
CA LYS A 145 9.22 10.93 2.91
C LYS A 145 8.98 11.02 1.42
N GLU A 146 9.50 10.08 0.64
CA GLU A 146 9.40 10.10 -0.82
C GLU A 146 7.97 9.92 -1.30
N ALA A 147 7.00 10.45 -0.57
CA ALA A 147 5.62 10.40 -0.97
C ALA A 147 5.37 11.32 -2.15
N VAL A 148 4.23 11.10 -2.80
CA VAL A 148 3.87 11.84 -3.99
C VAL A 148 3.70 13.32 -3.68
N TYR A 149 2.98 13.62 -2.60
CA TYR A 149 2.83 15.01 -2.20
C TYR A 149 4.18 15.67 -2.01
N ASN A 150 5.07 14.96 -1.32
CA ASN A 150 6.38 15.49 -1.02
C ASN A 150 7.18 15.70 -2.29
N ASN A 151 7.11 14.74 -3.20
CA ASN A 151 7.80 14.88 -4.47
C ASN A 151 7.28 16.09 -5.22
N ILE A 152 5.98 16.33 -5.13
CA ILE A 152 5.39 17.44 -5.83
C ILE A 152 5.90 18.76 -5.28
N MET A 153 5.98 18.87 -3.96
CA MET A 153 6.43 20.12 -3.35
C MET A 153 7.93 20.29 -3.41
N ARG A 154 8.67 19.20 -3.49
CA ARG A 154 10.12 19.31 -3.49
C ARG A 154 10.60 20.07 -4.72
N ARG A 155 9.97 19.82 -5.86
CA ARG A 155 10.33 20.57 -7.06
C ARG A 155 10.11 22.05 -6.84
N TYR A 156 9.01 22.39 -6.17
CA TYR A 156 8.66 23.78 -5.94
C TYR A 156 9.71 24.47 -5.09
N LEU A 157 10.23 23.78 -4.08
CA LEU A 157 11.26 24.37 -3.24
C LEU A 157 12.45 24.84 -4.06
N LYS A 158 13.03 23.92 -4.82
CA LYS A 158 14.23 24.24 -5.59
C LYS A 158 14.02 25.51 -6.38
N GLN A 159 12.85 25.62 -6.99
CA GLN A 159 12.52 26.81 -7.75
C GLN A 159 12.45 28.02 -6.85
N LYS A 160 11.97 27.84 -5.62
CA LYS A 160 11.91 28.98 -4.71
C LYS A 160 13.30 29.49 -4.39
N LEU A 161 14.24 28.58 -4.11
CA LEU A 161 15.59 29.03 -3.78
C LEU A 161 16.23 29.72 -4.96
N ARG A 162 16.03 29.20 -6.16
CA ARG A 162 16.50 29.90 -7.34
C ARG A 162 15.91 31.30 -7.39
N ASN A 163 14.64 31.42 -7.04
CA ASN A 163 13.97 32.71 -7.12
C ASN A 163 14.49 33.65 -6.04
N ASN A 164 14.82 33.11 -4.87
CA ASN A 164 15.40 33.92 -3.82
C ASN A 164 16.73 34.48 -4.27
N ASP A 165 17.55 33.65 -4.91
CA ASP A 165 18.81 34.12 -5.46
C ASP A 165 18.56 35.16 -6.54
N LEU A 166 17.56 34.91 -7.38
CA LEU A 166 17.24 35.85 -8.46
C LEU A 166 16.82 37.20 -7.92
N LYS A 167 16.15 37.21 -6.77
CA LYS A 167 15.70 38.49 -6.21
C LYS A 167 16.88 39.38 -5.88
N LYS A 168 17.90 38.81 -5.25
CA LYS A 168 19.06 39.62 -4.87
C LYS A 168 19.85 40.05 -6.10
N GLN A 169 20.02 39.15 -7.06
CA GLN A 169 20.93 39.38 -8.17
C GLN A 169 20.24 39.61 -9.50
N ASN A 170 18.91 39.66 -9.54
CA ASN A 170 18.19 39.86 -10.79
C ASN A 170 16.89 40.60 -10.54
N LYS A 171 16.47 41.38 -11.53
CA LYS A 171 15.14 41.98 -11.48
C LYS A 171 14.02 40.95 -11.56
N PRO A 172 14.03 40.00 -12.50
CA PRO A 172 12.88 39.10 -12.65
C PRO A 172 13.03 37.87 -11.80
N ALA A 173 11.94 37.42 -11.20
CA ALA A 173 11.90 36.10 -10.57
C ALA A 173 10.65 35.38 -11.00
N ILE A 174 10.78 34.07 -11.18
CA ILE A 174 9.65 33.31 -11.70
C ILE A 174 8.52 33.32 -10.68
N PRO A 175 7.26 33.43 -11.10
CA PRO A 175 6.16 33.36 -10.15
C PRO A 175 6.03 31.97 -9.55
N LEU A 176 5.57 31.94 -8.31
CA LEU A 176 5.27 30.72 -7.58
C LEU A 176 3.99 30.92 -6.80
N PRO A 177 3.26 29.86 -6.54
CA PRO A 177 1.92 30.00 -5.97
C PRO A 177 1.85 29.87 -4.47
N GLN A 178 0.69 30.21 -3.94
CA GLN A 178 0.37 29.92 -2.56
C GLN A 178 0.24 28.41 -2.37
N ILE A 179 0.41 27.98 -1.13
CA ILE A 179 0.24 26.57 -0.80
C ILE A 179 -0.51 26.42 0.51
N LEU A 180 -1.78 26.07 0.41
CA LEU A 180 -2.52 25.67 1.58
C LEU A 180 -2.15 24.23 1.94
N GLY A 181 -2.69 23.77 3.06
CA GLY A 181 -2.58 22.38 3.43
C GLY A 181 -3.51 22.03 4.56
N LEU A 182 -4.26 20.95 4.37
CA LEU A 182 -5.26 20.51 5.32
C LEU A 182 -4.95 19.11 5.79
N THR A 183 -5.08 18.89 7.09
CA THR A 183 -4.84 17.59 7.66
C THR A 183 -5.68 17.43 8.90
N ALA A 184 -6.10 16.20 9.16
CA ALA A 184 -6.78 15.89 10.41
C ALA A 184 -5.86 16.15 11.58
N SER A 185 -4.62 15.69 11.49
CA SER A 185 -3.60 15.95 12.49
C SER A 185 -2.24 15.84 11.83
N PRO A 186 -1.32 16.73 12.18
CA PRO A 186 -0.01 16.72 11.51
C PRO A 186 0.70 15.39 11.63
N GLY A 187 0.57 14.75 12.76
CA GLY A 187 1.20 13.46 12.96
C GLY A 187 2.59 13.60 13.55
N VAL A 188 3.04 12.52 14.15
CA VAL A 188 4.35 12.44 14.79
C VAL A 188 4.87 11.04 14.55
N GLY A 189 6.11 10.93 14.09
CA GLY A 189 6.71 9.65 13.76
C GLY A 189 8.03 9.48 14.47
N ALA A 190 8.27 8.25 14.97
CA ALA A 190 9.55 7.90 15.56
C ALA A 190 9.95 8.93 16.61
N ALA A 191 9.03 9.22 17.50
CA ALA A 191 9.26 10.16 18.58
C ALA A 191 9.09 9.44 19.90
N LYS A 192 10.09 9.56 20.75
CA LYS A 192 9.96 9.18 22.15
C LYS A 192 10.25 10.37 23.05
N LYS A 193 10.28 11.57 22.48
CA LYS A 193 10.57 12.80 23.21
C LYS A 193 9.82 13.92 22.51
N GLN A 194 9.74 15.07 23.19
CA GLN A 194 9.14 16.22 22.54
C GLN A 194 10.03 16.81 21.47
N SER A 195 11.34 16.71 21.65
CA SER A 195 12.24 17.38 20.73
C SER A 195 12.25 16.70 19.37
N GLU A 196 12.33 15.37 19.35
CA GLU A 196 12.25 14.66 18.08
C GLU A 196 10.93 14.94 17.39
N ALA A 197 9.86 15.06 18.19
CA ALA A 197 8.56 15.37 17.62
C ALA A 197 8.57 16.74 16.97
N GLU A 198 9.08 17.73 17.68
CA GLU A 198 9.13 19.07 17.11
C GLU A 198 9.93 19.09 15.82
N LYS A 199 11.04 18.35 15.81
CA LYS A 199 11.81 18.27 14.58
C LYS A 199 10.97 17.68 13.46
N HIS A 200 10.16 16.68 13.79
CA HIS A 200 9.29 16.11 12.77
C HIS A 200 8.37 17.16 12.21
N ILE A 201 7.73 17.91 13.10
CA ILE A 201 6.78 18.93 12.66
C ILE A 201 7.47 19.93 11.76
N LEU A 202 8.63 20.40 12.17
CA LEU A 202 9.37 21.33 11.36
C LEU A 202 9.70 20.74 10.01
N ASN A 203 9.97 19.44 9.96
CA ASN A 203 10.24 18.81 8.69
C ASN A 203 9.02 18.89 7.80
N ILE A 204 7.86 18.64 8.39
CA ILE A 204 6.61 18.72 7.63
C ILE A 204 6.39 20.14 7.12
N CYS A 205 6.57 21.13 8.00
CA CYS A 205 6.36 22.51 7.58
C CYS A 205 7.31 22.90 6.46
N ALA A 206 8.58 22.50 6.58
CA ALA A 206 9.52 22.80 5.52
C ALA A 206 9.10 22.13 4.23
N ASN A 207 8.64 20.89 4.31
CA ASN A 207 8.23 20.21 3.10
C ASN A 207 7.07 20.94 2.44
N LEU A 208 6.18 21.50 3.24
CA LEU A 208 5.08 22.28 2.72
C LEU A 208 5.42 23.75 2.55
N ASP A 209 6.57 24.20 3.05
CA ASP A 209 7.00 25.59 2.88
C ASP A 209 6.08 26.55 3.62
N ALA A 210 5.29 26.03 4.55
CA ALA A 210 4.27 26.85 5.15
C ALA A 210 4.85 27.86 6.12
N PHE A 211 4.03 28.85 6.44
CA PHE A 211 4.42 29.92 7.34
C PHE A 211 4.13 29.55 8.78
N THR A 212 2.99 28.91 9.02
CA THR A 212 2.61 28.55 10.38
C THR A 212 1.60 27.42 10.39
N ILE A 213 1.64 26.66 11.47
CA ILE A 213 0.48 25.87 11.87
C ILE A 213 -0.63 26.82 12.31
N LYS A 214 -1.87 26.39 12.13
CA LYS A 214 -3.02 27.13 12.61
C LYS A 214 -4.00 26.15 13.23
N THR A 215 -4.50 26.51 14.40
CA THR A 215 -5.51 25.71 15.07
C THR A 215 -6.55 26.65 15.64
N VAL A 216 -7.59 26.07 16.20
CA VAL A 216 -8.60 26.83 16.91
C VAL A 216 -8.31 26.64 18.39
N LYS A 217 -7.66 27.62 19.00
CA LYS A 217 -7.48 27.66 20.44
C LYS A 217 -8.44 28.62 21.10
N GLU A 218 -9.30 29.27 20.31
CA GLU A 218 -10.23 30.27 20.80
C GLU A 218 -11.66 29.76 20.86
N ASN A 219 -12.20 29.28 19.74
CA ASN A 219 -13.56 28.76 19.69
C ASN A 219 -13.59 27.27 19.89
N LEU A 220 -13.02 26.81 21.01
CA LEU A 220 -13.06 25.40 21.34
C LEU A 220 -14.44 24.96 21.81
N GLY A 221 -15.26 25.90 22.28
CA GLY A 221 -16.54 25.51 22.86
C GLY A 221 -17.50 24.95 21.83
N GLN A 222 -17.79 25.71 20.77
CA GLN A 222 -18.68 25.21 19.73
C GLN A 222 -18.13 23.94 19.13
N LEU A 223 -16.80 23.83 19.02
CA LEU A 223 -16.20 22.63 18.49
C LEU A 223 -16.52 21.43 19.35
N LYS A 224 -16.25 21.53 20.65
CA LYS A 224 -16.57 20.44 21.55
C LYS A 224 -18.05 20.13 21.51
N HIS A 225 -18.88 21.13 21.24
CA HIS A 225 -20.31 20.91 21.10
C HIS A 225 -20.61 20.03 19.90
N GLN A 226 -19.97 20.31 18.77
CA GLN A 226 -20.22 19.58 17.53
C GLN A 226 -19.34 18.35 17.38
N ILE A 227 -18.27 18.26 18.16
CA ILE A 227 -17.33 17.15 18.07
C ILE A 227 -17.35 16.42 19.40
N LYS A 228 -17.54 15.10 19.35
CA LYS A 228 -17.55 14.28 20.54
C LYS A 228 -16.95 12.92 20.26
N LYS A 233 -11.28 3.30 25.81
CA LYS A 233 -11.61 2.10 26.56
C LYS A 233 -10.92 0.88 25.96
N PHE A 234 -10.32 0.06 26.82
CA PHE A 234 -9.68 -1.17 26.40
C PHE A 234 -10.29 -2.32 27.18
N VAL A 235 -10.79 -3.31 26.45
CA VAL A 235 -11.41 -4.49 27.04
C VAL A 235 -10.76 -5.70 26.42
N ILE A 236 -10.24 -6.58 27.27
CA ILE A 236 -9.50 -7.75 26.83
C ILE A 236 -10.14 -8.98 27.44
N ALA A 237 -10.22 -10.04 26.65
CA ALA A 237 -10.76 -11.29 27.11
C ALA A 237 -9.62 -12.16 27.65
N ASN A 243 -4.14 -27.17 21.03
CA ASN A 243 -2.84 -27.07 21.67
C ASN A 243 -1.95 -28.26 21.31
N PRO A 244 -2.40 -29.50 21.56
CA PRO A 244 -1.59 -30.65 21.14
C PRO A 244 -1.44 -30.72 19.65
N PHE A 245 -2.36 -30.11 18.90
CA PHE A 245 -2.22 -30.06 17.46
C PHE A 245 -0.96 -29.30 17.07
N LYS A 246 -0.76 -28.14 17.67
CA LYS A 246 0.47 -27.39 17.51
C LYS A 246 1.67 -28.30 17.73
N GLU A 247 1.76 -28.88 18.93
CA GLU A 247 2.88 -29.76 19.26
C GLU A 247 3.02 -30.87 18.25
N LYS A 248 1.90 -31.44 17.82
CA LYS A 248 1.93 -32.49 16.81
C LYS A 248 2.71 -32.04 15.60
N LEU A 249 2.59 -30.77 15.25
CA LEU A 249 3.26 -30.26 14.06
C LEU A 249 4.69 -29.84 14.34
N LEU A 250 4.93 -29.24 15.51
CA LEU A 250 6.30 -28.88 15.88
C LEU A 250 7.21 -30.09 15.82
N GLU A 251 6.70 -31.23 16.25
CA GLU A 251 7.52 -32.44 16.24
C GLU A 251 7.96 -32.76 14.83
N ILE A 252 7.06 -32.61 13.87
CA ILE A 252 7.39 -32.89 12.48
C ILE A 252 8.42 -31.90 11.98
N MET A 253 8.28 -30.64 12.36
CA MET A 253 9.24 -29.64 11.94
C MET A 253 10.64 -29.98 12.43
N ALA A 254 10.76 -30.37 13.70
CA ALA A 254 12.06 -30.78 14.20
C ALA A 254 12.55 -32.02 13.48
N SER A 255 11.64 -32.95 13.19
CA SER A 255 12.00 -34.12 12.40
C SER A 255 12.60 -33.71 11.07
N ILE A 256 12.10 -32.63 10.49
CA ILE A 256 12.55 -32.20 9.19
C ILE A 256 13.87 -31.45 9.29
N GLN A 257 14.05 -30.67 10.35
CA GLN A 257 15.37 -30.14 10.63
C GLN A 257 16.39 -31.27 10.66
N THR A 258 16.06 -32.34 11.38
CA THR A 258 16.93 -33.50 11.44
C THR A 258 17.15 -34.08 10.06
N TYR A 259 16.08 -34.17 9.28
CA TYR A 259 16.19 -34.64 7.91
C TYR A 259 17.06 -33.72 7.07
N CYS A 260 17.26 -32.48 7.52
CA CYS A 260 17.93 -31.46 6.74
C CYS A 260 19.19 -30.92 7.38
N GLN A 261 19.42 -31.17 8.66
CA GLN A 261 20.54 -30.57 9.38
C GLN A 261 20.43 -29.05 9.36
N LYS A 262 19.22 -28.56 9.59
CA LYS A 262 18.95 -27.13 9.58
C LYS A 262 18.92 -26.65 11.02
N SER A 263 19.76 -25.67 11.32
CA SER A 263 19.86 -25.12 12.65
C SER A 263 19.13 -23.78 12.68
N PRO A 264 17.96 -23.68 13.33
CA PRO A 264 17.24 -22.40 13.31
C PRO A 264 17.98 -21.29 14.00
N MET A 265 18.61 -21.58 15.13
CA MET A 265 19.16 -20.59 16.04
C MET A 265 18.07 -19.78 16.72
N SER A 266 16.81 -20.21 16.60
CA SER A 266 15.68 -19.47 17.15
C SER A 266 14.51 -20.43 17.26
N ASP A 267 13.33 -19.87 17.51
CA ASP A 267 12.16 -20.65 17.86
C ASP A 267 11.18 -20.71 16.69
N PHE A 268 10.08 -21.43 16.91
CA PHE A 268 9.01 -21.58 15.93
C PHE A 268 7.89 -20.61 16.25
N GLY A 269 7.41 -19.90 15.23
CA GLY A 269 6.25 -19.07 15.39
C GLY A 269 6.58 -17.59 15.41
N THR A 270 7.60 -17.21 14.65
CA THR A 270 8.00 -15.82 14.59
C THR A 270 8.54 -15.52 13.20
N GLN A 271 8.72 -14.24 12.93
CA GLN A 271 9.28 -13.83 11.66
C GLN A 271 10.74 -14.22 11.56
N HIS A 272 11.43 -14.33 12.69
CA HIS A 272 12.86 -14.61 12.62
C HIS A 272 13.12 -15.96 11.96
N TYR A 273 12.34 -16.97 12.34
CA TYR A 273 12.50 -18.27 11.71
C TYR A 273 12.24 -18.17 10.23
N GLU A 274 11.20 -17.41 9.86
CA GLU A 274 10.87 -17.23 8.46
C GLU A 274 12.03 -16.59 7.71
N GLN A 275 12.59 -15.53 8.28
CA GLN A 275 13.65 -14.81 7.60
C GLN A 275 14.86 -15.69 7.39
N TRP A 276 15.20 -16.48 8.41
CA TRP A 276 16.32 -17.40 8.22
C TRP A 276 16.00 -18.42 7.16
N ALA A 277 14.74 -18.85 7.09
CA ALA A 277 14.35 -19.79 6.06
C ALA A 277 14.57 -19.19 4.68
N ILE A 278 14.20 -17.92 4.51
CA ILE A 278 14.39 -17.27 3.23
C ILE A 278 15.87 -17.14 2.91
N GLN A 279 16.68 -16.77 3.91
CA GLN A 279 18.10 -16.63 3.66
C GLN A 279 18.71 -17.96 3.26
N MET A 280 18.31 -19.04 3.93
CA MET A 280 18.79 -20.35 3.54
C MET A 280 18.28 -20.71 2.16
N GLU A 281 17.10 -20.23 1.81
CA GLU A 281 16.57 -20.49 0.48
C GLU A 281 17.43 -19.81 -0.58
N LYS A 282 17.87 -18.59 -0.32
CA LYS A 282 18.78 -17.93 -1.25
C LYS A 282 20.10 -18.67 -1.34
N LYS A 283 20.68 -19.03 -0.19
CA LYS A 283 21.96 -19.72 -0.21
C LYS A 283 21.86 -21.04 -0.95
N ALA A 284 20.81 -21.81 -0.67
CA ALA A 284 20.61 -23.06 -1.39
C ALA A 284 20.32 -22.82 -2.85
N ALA A 285 19.71 -21.69 -3.19
CA ALA A 285 19.64 -21.27 -4.57
C ALA A 285 21.01 -20.85 -5.08
N LYS A 286 21.82 -20.25 -4.20
CA LYS A 286 23.21 -19.99 -4.53
C LYS A 286 24.05 -21.25 -4.45
N ASP A 287 23.44 -22.38 -4.13
CA ASP A 287 24.08 -23.68 -4.19
C ASP A 287 23.49 -24.58 -5.26
N GLY A 288 22.27 -24.28 -5.73
CA GLY A 288 21.60 -25.17 -6.65
C GLY A 288 21.35 -26.52 -6.05
N ASN A 289 21.20 -26.60 -4.73
CA ASN A 289 21.05 -27.86 -4.03
C ASN A 289 19.60 -28.10 -3.63
N ARG A 290 19.32 -29.35 -3.33
CA ARG A 290 18.01 -29.77 -2.86
C ARG A 290 18.01 -29.96 -1.36
N LYS A 291 16.83 -30.22 -0.83
CA LYS A 291 16.61 -30.33 0.61
C LYS A 291 17.07 -29.10 1.37
N ASP A 292 17.52 -28.07 0.67
CA ASP A 292 18.05 -26.87 1.32
C ASP A 292 17.18 -25.66 0.97
N ARG A 293 17.02 -25.38 -0.32
CA ARG A 293 16.01 -24.42 -0.75
C ARG A 293 14.63 -25.06 -0.70
N VAL A 294 14.56 -26.33 -1.11
CA VAL A 294 13.29 -27.05 -1.16
C VAL A 294 12.63 -27.00 0.20
N CYS A 295 13.40 -27.29 1.24
CA CYS A 295 12.86 -27.40 2.58
C CYS A 295 12.64 -26.05 3.23
N ALA A 296 13.39 -25.03 2.80
CA ALA A 296 13.08 -23.68 3.27
C ALA A 296 11.69 -23.28 2.83
N GLU A 297 11.32 -23.62 1.60
CA GLU A 297 9.98 -23.30 1.12
C GLU A 297 8.93 -23.97 1.98
N HIS A 298 9.09 -25.27 2.24
CA HIS A 298 8.10 -25.97 3.03
C HIS A 298 8.00 -25.40 4.42
N LEU A 299 9.14 -25.12 5.04
CA LEU A 299 9.12 -24.62 6.41
C LEU A 299 8.52 -23.23 6.49
N ARG A 300 8.66 -22.43 5.44
CA ARG A 300 7.95 -21.17 5.37
C ARG A 300 6.45 -21.42 5.47
N LYS A 301 5.97 -22.41 4.72
CA LYS A 301 4.56 -22.75 4.79
C LYS A 301 4.18 -23.20 6.20
N TYR A 302 5.01 -24.04 6.81
CA TYR A 302 4.70 -24.52 8.14
C TYR A 302 4.64 -23.39 9.15
N ASN A 303 5.61 -22.47 9.10
CA ASN A 303 5.64 -21.39 10.07
C ASN A 303 4.45 -20.47 9.88
N GLU A 304 4.04 -20.23 8.64
CA GLU A 304 2.81 -19.49 8.41
C GLU A 304 1.64 -20.24 9.01
N ALA A 305 1.60 -21.56 8.82
CA ALA A 305 0.56 -22.36 9.44
C ALA A 305 0.55 -22.17 10.94
N LEU A 306 1.74 -22.11 11.54
CA LEU A 306 1.84 -21.92 12.97
C LEU A 306 1.19 -20.61 13.38
N GLN A 307 1.69 -19.50 12.83
CA GLN A 307 1.33 -18.21 13.37
C GLN A 307 -0.09 -17.81 13.02
N ILE A 308 -0.66 -18.35 11.94
CA ILE A 308 -2.10 -18.21 11.76
C ILE A 308 -2.83 -19.08 12.77
N ASN A 309 -2.32 -20.30 12.96
CA ASN A 309 -2.94 -21.19 13.94
C ASN A 309 -2.98 -20.55 15.30
N ASP A 310 -1.93 -19.83 15.67
CA ASP A 310 -1.87 -19.19 16.98
C ASP A 310 -3.06 -18.27 17.19
N THR A 311 -3.50 -17.62 16.12
CA THR A 311 -4.61 -16.69 16.18
C THR A 311 -5.87 -17.21 15.52
N ILE A 312 -5.78 -18.29 14.77
CA ILE A 312 -6.87 -18.72 13.91
C ILE A 312 -7.23 -20.16 14.20
N ARG A 313 -8.47 -20.51 13.87
CA ARG A 313 -8.90 -21.89 13.98
C ARG A 313 -7.99 -22.77 13.13
N MET A 314 -7.46 -23.82 13.74
CA MET A 314 -6.50 -24.68 13.05
C MET A 314 -7.12 -25.37 11.86
N ILE A 315 -8.44 -25.42 11.76
CA ILE A 315 -9.09 -25.86 10.54
C ILE A 315 -8.55 -25.08 9.36
N ASP A 316 -8.21 -23.82 9.59
CA ASP A 316 -7.76 -22.99 8.49
C ASP A 316 -6.33 -23.30 8.11
N ALA A 317 -5.51 -23.75 9.07
CA ALA A 317 -4.21 -24.28 8.71
C ALA A 317 -4.35 -25.56 7.92
N TYR A 318 -5.30 -26.41 8.31
CA TYR A 318 -5.58 -27.60 7.51
C TYR A 318 -5.98 -27.19 6.11
N SER A 319 -6.77 -26.12 5.98
CA SER A 319 -7.15 -25.62 4.67
C SER A 319 -5.93 -25.12 3.91
N HIS A 320 -5.05 -24.41 4.61
CA HIS A 320 -3.87 -23.84 3.98
C HIS A 320 -3.01 -24.94 3.38
N LEU A 321 -2.72 -25.98 4.15
CA LEU A 321 -1.88 -27.06 3.67
C LEU A 321 -2.62 -28.03 2.80
N GLU A 322 -3.94 -28.14 2.95
CA GLU A 322 -4.72 -28.85 1.95
C GLU A 322 -4.48 -28.22 0.59
N THR A 323 -4.68 -26.91 0.50
CA THR A 323 -4.40 -26.20 -0.74
C THR A 323 -2.99 -26.50 -1.21
N PHE A 324 -2.02 -26.34 -0.32
CA PHE A 324 -0.63 -26.46 -0.72
C PHE A 324 -0.33 -27.85 -1.24
N TYR A 325 -0.55 -28.87 -0.42
CA TYR A 325 -0.12 -30.21 -0.77
C TYR A 325 -0.95 -30.79 -1.90
N THR A 326 -2.23 -30.47 -1.96
CA THR A 326 -3.02 -30.91 -3.10
C THR A 326 -2.47 -30.33 -4.39
N ASP A 327 -2.07 -29.06 -4.35
CA ASP A 327 -1.41 -28.48 -5.50
C ASP A 327 -0.09 -29.17 -5.77
N GLU A 328 0.60 -29.62 -4.73
CA GLU A 328 1.83 -30.38 -4.92
C GLU A 328 1.55 -31.66 -5.68
N LYS A 329 0.49 -32.36 -5.28
CA LYS A 329 0.10 -33.59 -5.95
C LYS A 329 -0.21 -33.32 -7.41
N GLU A 330 -0.95 -32.25 -7.67
CA GLU A 330 -1.33 -31.93 -9.04
C GLU A 330 -0.11 -31.56 -9.86
N LYS A 331 0.83 -30.82 -9.26
CA LYS A 331 2.07 -30.49 -9.96
C LYS A 331 2.82 -31.75 -10.36
N LYS A 332 3.04 -32.65 -9.41
CA LYS A 332 3.79 -33.86 -9.69
C LYS A 332 3.03 -34.77 -10.65
N PHE A 333 1.70 -34.81 -10.51
CA PHE A 333 0.88 -35.59 -11.42
C PHE A 333 1.02 -35.09 -12.84
N ALA A 334 0.97 -33.77 -13.02
CA ALA A 334 1.20 -33.20 -14.34
C ALA A 334 2.59 -33.50 -14.82
N VAL A 335 3.58 -33.43 -13.92
CA VAL A 335 4.95 -33.77 -14.29
C VAL A 335 5.00 -35.19 -14.82
N LEU A 336 4.26 -36.09 -14.15
CA LEU A 336 4.23 -37.47 -14.57
C LEU A 336 3.67 -37.61 -15.98
N ASN A 337 2.63 -36.84 -16.28
CA ASN A 337 2.05 -36.86 -17.62
C ASN A 337 3.05 -36.30 -18.62
N ASP A 338 3.03 -36.85 -19.83
CA ASP A 338 3.95 -36.43 -20.89
C ASP A 338 5.35 -36.92 -20.56
N LYS A 362 8.33 -38.89 -12.41
CA LYS A 362 8.82 -39.62 -11.25
C LYS A 362 8.88 -38.70 -10.04
N LEU A 363 9.24 -39.25 -8.88
CA LEU A 363 9.32 -38.48 -7.65
C LEU A 363 10.69 -38.59 -7.01
N ASP A 364 11.18 -37.46 -6.53
CA ASP A 364 12.47 -37.37 -5.88
C ASP A 364 12.40 -37.91 -4.46
N GLU A 365 13.58 -38.16 -3.92
CA GLU A 365 13.70 -38.61 -2.54
C GLU A 365 13.12 -37.58 -1.58
N THR A 366 13.48 -36.32 -1.78
CA THR A 366 13.01 -35.26 -0.92
C THR A 366 11.49 -35.17 -0.90
N ASP A 367 10.89 -35.07 -2.08
CA ASP A 367 9.45 -34.82 -2.15
C ASP A 367 8.68 -35.96 -1.52
N GLU A 368 9.11 -37.19 -1.78
CA GLU A 368 8.45 -38.34 -1.17
C GLU A 368 8.54 -38.28 0.34
N PHE A 369 9.72 -37.98 0.86
CA PHE A 369 9.87 -37.89 2.32
C PHE A 369 8.89 -36.87 2.87
N LEU A 370 8.89 -35.66 2.31
CA LEU A 370 8.07 -34.60 2.86
C LEU A 370 6.60 -34.90 2.70
N MET A 371 6.19 -35.25 1.49
CA MET A 371 4.76 -35.42 1.22
C MET A 371 4.20 -36.53 2.09
N ASN A 372 4.88 -37.67 2.15
CA ASN A 372 4.37 -38.77 2.96
C ASN A 372 4.44 -38.42 4.44
N LEU A 373 5.47 -37.70 4.84
CA LEU A 373 5.54 -37.21 6.21
C LEU A 373 4.28 -36.43 6.57
N PHE A 374 3.72 -35.73 5.59
CA PHE A 374 2.47 -35.01 5.82
C PHE A 374 1.28 -35.96 5.78
N PHE A 375 1.14 -36.68 4.68
CA PHE A 375 -0.08 -37.43 4.43
C PHE A 375 -0.32 -38.48 5.49
N ASP A 376 0.76 -39.02 6.06
CA ASP A 376 0.62 -40.03 7.10
C ASP A 376 -0.14 -39.49 8.30
N ASN A 377 -0.13 -38.16 8.49
CA ASN A 377 -0.79 -37.54 9.62
C ASN A 377 -2.02 -36.75 9.23
N LYS A 378 -2.16 -36.38 7.95
CA LYS A 378 -3.14 -35.38 7.55
C LYS A 378 -4.52 -35.66 8.13
N LYS A 379 -4.99 -36.89 8.03
CA LYS A 379 -6.35 -37.19 8.46
C LYS A 379 -6.51 -37.01 9.95
N MET A 380 -5.61 -37.59 10.73
CA MET A 380 -5.67 -37.41 12.18
C MET A 380 -5.48 -35.96 12.55
N LEU A 381 -4.67 -35.23 11.79
CA LEU A 381 -4.49 -33.82 12.07
C LEU A 381 -5.80 -33.07 11.92
N LYS A 382 -6.59 -33.42 10.91
CA LYS A 382 -7.92 -32.84 10.81
C LYS A 382 -8.78 -33.24 12.00
N LYS A 383 -8.68 -34.50 12.42
CA LYS A 383 -9.42 -34.94 13.59
C LYS A 383 -9.04 -34.09 14.80
N LEU A 384 -7.76 -33.82 14.96
CA LEU A 384 -7.32 -32.88 15.98
C LEU A 384 -7.93 -31.51 15.76
N ALA A 385 -7.98 -31.07 14.50
CA ALA A 385 -8.48 -29.74 14.20
C ALA A 385 -9.91 -29.57 14.68
N GLU A 386 -10.68 -30.65 14.68
CA GLU A 386 -12.05 -30.55 15.15
C GLU A 386 -12.12 -30.17 16.62
N ASN A 387 -11.07 -30.47 17.38
CA ASN A 387 -11.14 -30.37 18.83
C ASN A 387 -10.93 -28.94 19.31
N PRO A 388 -11.81 -28.40 20.17
CA PRO A 388 -11.49 -27.17 20.88
C PRO A 388 -10.28 -27.31 21.81
N GLU A 393 -6.92 -21.12 21.37
CA GLU A 393 -8.11 -20.80 20.59
C GLU A 393 -8.61 -19.41 20.91
N LYS A 394 -7.87 -18.41 20.45
CA LYS A 394 -8.33 -17.03 20.59
C LYS A 394 -9.73 -16.86 20.03
N LEU A 395 -10.02 -17.57 18.93
CA LEU A 395 -11.27 -17.36 18.22
C LEU A 395 -12.46 -17.72 19.10
N ILE A 396 -12.39 -18.86 19.78
CA ILE A 396 -13.49 -19.31 20.64
C ILE A 396 -13.67 -18.33 21.80
N LYS A 397 -12.57 -17.95 22.42
CA LYS A 397 -12.62 -16.96 23.49
C LYS A 397 -13.29 -15.69 22.99
N LEU A 398 -12.91 -15.27 21.80
CA LEU A 398 -13.44 -14.03 21.24
C LEU A 398 -14.93 -14.13 21.01
N ARG A 399 -15.39 -15.28 20.51
CA ARG A 399 -16.80 -15.46 20.29
C ARG A 399 -17.57 -15.29 21.59
N ASN A 400 -17.06 -15.91 22.66
CA ASN A 400 -17.67 -15.72 23.97
C ASN A 400 -17.75 -14.25 24.31
N THR A 401 -16.81 -13.46 23.78
CA THR A 401 -16.80 -12.04 24.13
C THR A 401 -17.84 -11.27 23.32
N ILE A 402 -17.85 -11.51 22.01
CA ILE A 402 -18.60 -10.66 21.12
C ILE A 402 -20.07 -11.01 21.12
N LEU A 403 -20.39 -12.29 21.33
CA LEU A 403 -21.79 -12.66 21.52
C LEU A 403 -22.38 -11.90 22.70
N GLU A 404 -21.64 -11.87 23.80
CA GLU A 404 -22.04 -11.08 24.96
C GLU A 404 -22.24 -9.63 24.56
N GLN A 405 -21.40 -9.14 23.66
CA GLN A 405 -21.53 -7.77 23.21
C GLN A 405 -22.84 -7.53 22.48
N PHE A 406 -23.26 -8.47 21.65
CA PHE A 406 -24.41 -8.24 20.77
C PHE A 406 -25.69 -8.29 21.45
N THR A 407 -25.75 -8.30 22.77
CA THR A 407 -27.02 -8.23 23.45
C THR A 407 -27.43 -6.81 23.81
N ARG A 408 -26.45 -5.94 24.07
CA ARG A 408 -26.74 -4.57 24.46
C ARG A 408 -27.67 -3.90 23.45
N SER A 409 -27.26 -3.86 22.18
CA SER A 409 -28.02 -3.19 21.15
C SER A 409 -28.91 -4.16 20.38
N SER A 412 -31.17 0.23 16.03
CA SER A 412 -30.15 0.19 14.99
C SER A 412 -28.86 -0.45 15.49
N SER A 413 -28.39 -1.45 14.77
CA SER A 413 -27.18 -2.19 15.12
C SER A 413 -26.10 -1.91 14.08
N ARG A 414 -24.91 -1.58 14.55
CA ARG A 414 -23.77 -1.30 13.70
C ARG A 414 -22.57 -2.07 14.23
N GLY A 415 -21.62 -2.33 13.34
CA GLY A 415 -20.50 -3.17 13.73
C GLY A 415 -19.25 -2.95 12.89
N ILE A 416 -18.10 -3.08 13.52
CA ILE A 416 -16.82 -2.94 12.86
C ILE A 416 -15.84 -3.93 13.47
N ILE A 417 -14.90 -4.39 12.66
CA ILE A 417 -13.78 -5.20 13.14
C ILE A 417 -12.54 -4.82 12.37
N PHE A 418 -11.41 -4.78 13.07
CA PHE A 418 -10.10 -4.66 12.44
C PHE A 418 -9.29 -5.91 12.66
N THR A 419 -8.28 -6.07 11.82
CA THR A 419 -7.26 -7.09 11.99
C THR A 419 -6.13 -6.79 11.02
N LYS A 420 -5.19 -7.72 10.85
CA LYS A 420 -4.02 -7.48 10.03
C LYS A 420 -4.16 -8.18 8.67
N THR A 421 -4.42 -9.48 8.66
CA THR A 421 -4.36 -10.21 7.42
C THR A 421 -5.66 -10.08 6.64
N ARG A 422 -5.59 -10.47 5.38
CA ARG A 422 -6.77 -10.67 4.57
C ARG A 422 -7.36 -12.05 4.72
N GLN A 423 -6.55 -13.03 5.07
CA GLN A 423 -7.02 -14.39 5.28
C GLN A 423 -7.81 -14.50 6.58
N SER A 424 -7.41 -13.71 7.58
CA SER A 424 -8.13 -13.69 8.84
C SER A 424 -9.55 -13.21 8.65
N THR A 425 -9.74 -12.21 7.79
CA THR A 425 -11.08 -11.69 7.55
C THR A 425 -11.99 -12.78 7.00
N TYR A 426 -11.51 -13.52 6.01
CA TYR A 426 -12.33 -14.60 5.45
C TYR A 426 -12.59 -15.67 6.50
N ALA A 427 -11.57 -16.01 7.28
CA ALA A 427 -11.75 -17.03 8.31
C ALA A 427 -12.79 -16.60 9.32
N LEU A 428 -12.71 -15.35 9.77
CA LEU A 428 -13.68 -14.85 10.72
C LEU A 428 -15.07 -14.90 10.11
N SER A 429 -15.18 -14.52 8.85
CA SER A 429 -16.49 -14.45 8.21
C SER A 429 -17.11 -15.84 8.09
N GLN A 430 -16.33 -16.81 7.62
CA GLN A 430 -16.86 -18.15 7.43
C GLN A 430 -17.14 -18.81 8.76
N TRP A 431 -16.22 -18.67 9.71
CA TRP A 431 -16.39 -19.29 11.02
C TRP A 431 -17.59 -18.71 11.73
N ILE A 432 -17.78 -17.40 11.65
CA ILE A 432 -18.93 -16.76 12.27
C ILE A 432 -20.20 -17.18 11.57
N MET A 433 -20.15 -17.31 10.25
CA MET A 433 -21.31 -17.81 9.52
C MET A 433 -21.69 -19.20 9.99
N GLU A 434 -20.69 -20.06 10.22
CA GLU A 434 -20.97 -21.40 10.68
C GLU A 434 -21.63 -21.40 12.05
N ASN A 435 -21.28 -20.42 12.89
CA ASN A 435 -21.89 -20.34 14.20
C ASN A 435 -23.38 -20.03 14.09
N ALA A 436 -24.17 -20.69 14.92
CA ALA A 436 -25.60 -20.45 14.95
C ALA A 436 -25.99 -19.33 15.90
N LYS A 437 -25.18 -19.06 16.92
CA LYS A 437 -25.52 -18.03 17.88
C LYS A 437 -25.46 -16.65 17.25
N PHE A 438 -24.42 -16.36 16.48
CA PHE A 438 -24.27 -15.03 15.90
C PHE A 438 -25.42 -14.72 14.97
N ALA A 439 -25.82 -15.69 14.16
CA ALA A 439 -26.99 -15.52 13.32
C ALA A 439 -28.24 -15.38 14.17
N GLU A 440 -28.34 -16.18 15.24
CA GLU A 440 -29.54 -16.17 16.06
C GLU A 440 -29.80 -14.80 16.66
N VAL A 441 -28.73 -14.08 17.00
CA VAL A 441 -28.87 -12.71 17.49
C VAL A 441 -29.35 -11.77 16.42
N GLY A 442 -29.43 -12.22 15.17
CA GLY A 442 -29.77 -11.36 14.08
C GLY A 442 -28.60 -10.66 13.44
N VAL A 443 -27.38 -10.91 13.91
CA VAL A 443 -26.21 -10.19 13.39
C VAL A 443 -25.82 -10.76 12.04
N LYS A 444 -25.67 -9.89 11.04
CA LYS A 444 -25.17 -10.28 9.73
C LYS A 444 -23.81 -9.64 9.51
N ALA A 445 -22.92 -10.40 8.86
CA ALA A 445 -21.51 -10.04 8.81
C ALA A 445 -20.96 -10.24 7.40
N HIS A 446 -20.13 -9.31 6.96
CA HIS A 446 -19.47 -9.40 5.67
C HIS A 446 -18.02 -8.96 5.82
N HIS A 447 -17.19 -9.43 4.88
CA HIS A 447 -15.77 -9.13 4.95
C HIS A 447 -15.46 -7.89 4.11
N LEU A 448 -14.22 -7.43 4.24
CA LEU A 448 -13.77 -6.27 3.50
C LEU A 448 -12.26 -6.26 3.48
N ILE A 449 -11.69 -6.11 2.30
CA ILE A 449 -10.26 -5.93 2.15
C ILE A 449 -9.97 -4.94 1.03
N GLY A 450 -8.70 -4.71 0.76
CA GLY A 450 -8.31 -3.74 -0.25
C GLY A 450 -8.46 -4.24 -1.66
N ALA A 451 -7.65 -3.67 -2.53
CA ALA A 451 -7.72 -3.94 -3.95
C ALA A 451 -6.48 -4.59 -4.51
N GLY A 452 -5.34 -4.41 -3.86
CA GLY A 452 -4.09 -4.75 -4.49
C GLY A 452 -3.96 -6.23 -4.78
N HIS A 453 -3.20 -6.51 -5.83
CA HIS A 453 -2.97 -7.87 -6.31
C HIS A 453 -1.66 -8.40 -5.72
N SER A 454 -1.73 -8.73 -4.44
CA SER A 454 -0.58 -9.32 -3.79
C SER A 454 -1.07 -10.16 -2.62
N SER A 455 -0.16 -10.98 -2.10
CA SER A 455 -0.39 -11.79 -0.92
C SER A 455 -1.16 -13.07 -1.21
N GLU A 456 -1.50 -13.35 -2.47
CA GLU A 456 -2.16 -14.59 -2.81
C GLU A 456 -3.55 -14.65 -2.17
N VAL A 457 -4.30 -13.57 -2.31
CA VAL A 457 -5.68 -13.53 -1.85
C VAL A 457 -6.55 -12.98 -2.96
N LYS A 458 -7.81 -13.33 -2.91
CA LYS A 458 -8.74 -12.79 -3.88
C LYS A 458 -9.00 -11.33 -3.52
N PRO A 459 -8.65 -10.38 -4.38
CA PRO A 459 -8.84 -8.97 -4.04
C PRO A 459 -10.29 -8.56 -4.12
N MET A 460 -10.57 -7.39 -3.54
CA MET A 460 -11.87 -6.76 -3.56
C MET A 460 -11.81 -5.54 -4.46
N THR A 461 -12.75 -5.43 -5.37
CA THR A 461 -12.78 -4.30 -6.28
C THR A 461 -13.33 -3.07 -5.58
N GLN A 462 -12.96 -1.91 -6.13
CA GLN A 462 -13.51 -0.66 -5.65
C GLN A 462 -15.03 -0.70 -5.66
N THR A 463 -15.60 -1.18 -6.76
CA THR A 463 -17.04 -1.25 -6.89
C THR A 463 -17.65 -1.98 -5.70
N GLU A 464 -17.11 -3.14 -5.40
CA GLU A 464 -17.71 -3.97 -4.37
C GLU A 464 -17.51 -3.37 -3.00
N GLN A 465 -16.42 -2.63 -2.81
CA GLN A 465 -16.26 -1.90 -1.56
C GLN A 465 -17.38 -0.88 -1.39
N LYS A 466 -17.68 -0.13 -2.45
CA LYS A 466 -18.79 0.80 -2.39
C LYS A 466 -20.08 0.07 -2.08
N GLU A 467 -20.28 -1.09 -2.70
CA GLU A 467 -21.46 -1.89 -2.42
C GLU A 467 -21.57 -2.17 -0.94
N VAL A 468 -20.47 -2.60 -0.34
CA VAL A 468 -20.51 -3.04 1.05
C VAL A 468 -20.80 -1.87 1.97
N ILE A 469 -20.12 -0.76 1.77
CA ILE A 469 -20.33 0.36 2.68
C ILE A 469 -21.72 0.93 2.50
N SER A 470 -22.24 0.90 1.27
CA SER A 470 -23.63 1.29 1.06
C SER A 470 -24.56 0.37 1.83
N LYS A 471 -24.28 -0.93 1.82
CA LYS A 471 -25.10 -1.84 2.59
C LYS A 471 -24.95 -1.62 4.09
N PHE A 472 -23.75 -1.35 4.55
CA PHE A 472 -23.54 -1.04 5.95
C PHE A 472 -24.24 0.23 6.35
N ARG A 473 -24.63 1.05 5.38
CA ARG A 473 -25.53 2.17 5.62
C ARG A 473 -26.99 1.75 5.49
N THR A 474 -27.28 0.85 4.56
CA THR A 474 -28.62 0.31 4.42
C THR A 474 -29.01 -0.51 5.63
N GLY A 475 -28.07 -1.28 6.16
CA GLY A 475 -28.34 -2.15 7.28
C GLY A 475 -28.40 -3.62 6.92
N GLU A 476 -28.06 -3.99 5.69
CA GLU A 476 -28.05 -5.41 5.34
C GLU A 476 -27.02 -6.18 6.16
N ILE A 477 -25.82 -5.62 6.31
CA ILE A 477 -24.77 -6.21 7.13
C ILE A 477 -24.61 -5.35 8.37
N ASN A 478 -24.66 -6.00 9.53
CA ASN A 478 -24.54 -5.28 10.79
C ASN A 478 -23.09 -5.02 11.16
N LEU A 479 -22.19 -5.90 10.73
CA LEU A 479 -20.81 -5.89 11.20
C LEU A 479 -19.85 -6.16 10.06
N LEU A 480 -18.90 -5.24 9.88
CA LEU A 480 -17.86 -5.38 8.88
C LEU A 480 -16.62 -6.03 9.46
N ILE A 481 -15.86 -6.69 8.59
CA ILE A 481 -14.54 -7.20 8.90
C ILE A 481 -13.56 -6.56 7.93
N ALA A 482 -12.53 -5.90 8.46
CA ALA A 482 -11.68 -5.04 7.65
C ALA A 482 -10.23 -5.10 8.13
N THR A 483 -9.31 -4.86 7.21
CA THR A 483 -7.89 -4.81 7.54
C THR A 483 -7.47 -3.42 8.02
N THR A 484 -7.49 -2.45 7.12
CA THR A 484 -7.27 -1.05 7.44
C THR A 484 -8.03 -0.15 6.50
N VAL A 485 -8.71 -0.71 5.50
CA VAL A 485 -9.48 0.08 4.57
C VAL A 485 -10.48 0.92 5.34
N ALA A 486 -11.17 0.28 6.28
CA ALA A 486 -12.20 0.95 7.03
C ALA A 486 -11.62 1.99 7.97
N GLU A 487 -10.33 1.89 8.26
CA GLU A 487 -9.73 2.79 9.24
C GLU A 487 -9.84 4.24 8.78
N GLU A 488 -9.81 4.46 7.47
CA GLU A 488 -9.83 5.81 6.95
C GLU A 488 -10.35 5.82 5.52
N GLY A 489 -10.70 7.01 5.06
CA GLY A 489 -11.16 7.22 3.70
C GLY A 489 -12.59 6.76 3.54
N LEU A 490 -12.82 5.46 3.66
CA LEU A 490 -14.19 4.95 3.59
C LEU A 490 -15.03 5.57 4.69
N ASP A 491 -16.28 5.90 4.37
CA ASP A 491 -17.21 6.50 5.31
C ASP A 491 -17.90 5.40 6.10
N ILE A 492 -17.23 4.98 7.17
CA ILE A 492 -17.80 4.09 8.17
C ILE A 492 -18.02 4.93 9.43
N LYS A 493 -19.26 4.97 9.92
CA LYS A 493 -19.56 5.85 11.04
C LYS A 493 -20.79 5.37 11.76
N GLU A 494 -21.01 5.94 12.94
CA GLU A 494 -22.20 5.70 13.74
C GLU A 494 -22.20 4.31 14.36
N CYS A 495 -21.02 3.71 14.52
CA CYS A 495 -20.91 2.33 14.97
C CYS A 495 -20.53 2.32 16.43
N ASN A 496 -21.33 1.61 17.23
CA ASN A 496 -21.06 1.52 18.65
C ASN A 496 -19.74 0.84 18.92
N ILE A 497 -19.55 -0.31 18.31
CA ILE A 497 -18.44 -1.17 18.64
C ILE A 497 -17.39 -1.04 17.55
N VAL A 498 -16.15 -0.87 17.95
CA VAL A 498 -15.04 -1.03 17.03
C VAL A 498 -14.01 -1.95 17.65
N ILE A 499 -14.16 -3.25 17.39
CA ILE A 499 -13.22 -4.23 17.90
C ILE A 499 -11.97 -4.26 17.04
N ARG A 500 -10.81 -4.34 17.69
CA ARG A 500 -9.55 -4.61 17.02
C ARG A 500 -9.02 -5.94 17.53
N TYR A 501 -8.83 -6.88 16.61
CA TYR A 501 -8.33 -8.22 16.95
C TYR A 501 -6.88 -8.35 16.52
N GLY A 502 -5.97 -7.94 17.41
CA GLY A 502 -4.56 -8.21 17.18
C GLY A 502 -3.91 -7.16 16.34
N LEU A 503 -3.99 -5.91 16.78
CA LEU A 503 -3.43 -4.80 16.04
C LEU A 503 -2.37 -4.06 16.86
N SER A 522 -20.01 5.14 21.52
CA SER A 522 -18.82 4.76 20.78
C SER A 522 -17.89 3.93 21.63
N THR A 523 -18.37 2.76 22.04
CA THR A 523 -17.56 1.87 22.85
C THR A 523 -16.37 1.36 22.06
N TYR A 524 -15.24 1.21 22.75
CA TYR A 524 -14.02 0.70 22.17
C TYR A 524 -13.65 -0.62 22.81
N VAL A 525 -13.25 -1.58 22.00
CA VAL A 525 -12.80 -2.88 22.47
C VAL A 525 -11.49 -3.21 21.77
N LEU A 526 -10.55 -3.81 22.51
CA LEU A 526 -9.24 -4.14 21.98
C LEU A 526 -8.84 -5.51 22.52
N VAL A 527 -9.17 -6.52 21.76
CA VAL A 527 -8.91 -7.90 22.13
C VAL A 527 -7.49 -8.30 21.78
N THR A 528 -6.93 -9.21 22.57
CA THR A 528 -5.74 -9.96 22.17
C THR A 528 -5.42 -11.00 23.24
N GLU A 536 -1.86 -2.63 25.70
CA GLU A 536 -0.78 -1.72 26.04
C GLU A 536 -0.55 -0.69 24.93
N ARG A 537 -0.88 -1.06 23.70
CA ARG A 537 -0.63 -0.20 22.55
C ARG A 537 -1.47 1.07 22.56
N GLU A 538 -2.61 1.07 23.25
CA GLU A 538 -3.41 2.29 23.34
C GLU A 538 -2.68 3.35 24.16
N ILE A 539 -1.94 2.93 25.17
CA ILE A 539 -1.27 3.87 26.06
C ILE A 539 -0.23 4.67 25.29
N VAL A 540 0.58 3.97 24.49
CA VAL A 540 1.65 4.63 23.76
C VAL A 540 1.07 5.59 22.74
N ASN A 541 -0.03 5.19 22.09
CA ASN A 541 -0.71 6.07 21.16
C ASN A 541 -1.19 7.34 21.87
N ASP A 542 -1.75 7.18 23.06
CA ASP A 542 -2.22 8.34 23.81
C ASP A 542 -1.06 9.25 24.14
N PHE A 543 0.07 8.67 24.52
CA PHE A 543 1.26 9.44 24.82
C PHE A 543 1.71 10.24 23.61
N ARG A 544 1.70 9.61 22.44
CA ARG A 544 2.09 10.30 21.23
C ARG A 544 1.14 11.43 20.89
N GLU A 545 -0.15 11.22 21.13
CA GLU A 545 -1.10 12.28 20.87
C GLU A 545 -0.84 13.49 21.76
N LYS A 546 -0.62 13.24 23.04
CA LYS A 546 -0.31 14.32 23.96
C LYS A 546 0.96 15.03 23.52
N MET A 547 1.96 14.25 23.11
CA MET A 547 3.25 14.81 22.75
C MET A 547 3.13 15.73 21.55
N MET A 548 2.29 15.38 20.58
CA MET A 548 2.16 16.22 19.40
C MET A 548 1.31 17.45 19.67
N TYR A 549 0.33 17.35 20.56
CA TYR A 549 -0.42 18.55 20.92
C TYR A 549 0.48 19.57 21.60
N LYS A 550 1.32 19.12 22.51
CA LYS A 550 2.26 20.03 23.15
C LYS A 550 3.22 20.63 22.12
N ALA A 551 3.64 19.83 21.16
CA ALA A 551 4.61 20.32 20.20
C ALA A 551 3.98 21.33 19.26
N ILE A 552 2.71 21.10 18.89
CA ILE A 552 1.99 22.06 18.08
C ILE A 552 1.99 23.41 18.77
N ASN A 553 1.62 23.41 20.05
CA ASN A 553 1.58 24.68 20.78
C ASN A 553 2.95 25.34 20.78
N ARG A 554 4.01 24.54 20.95
CA ARG A 554 5.34 25.12 21.01
C ARG A 554 5.70 25.80 19.70
N VAL A 555 5.44 25.14 18.57
CA VAL A 555 5.85 25.69 17.29
C VAL A 555 5.03 26.91 16.95
N GLN A 556 3.74 26.89 17.28
CA GLN A 556 2.92 28.06 17.04
C GLN A 556 3.53 29.27 17.71
N ASN A 557 4.01 29.10 18.94
CA ASN A 557 4.60 30.18 19.70
C ASN A 557 6.10 30.14 19.47
N MET A 558 6.50 30.78 18.38
CA MET A 558 7.91 30.80 18.01
C MET A 558 8.22 32.09 17.28
N LYS A 559 9.49 32.46 17.31
CA LYS A 559 9.93 33.64 16.59
C LYS A 559 9.77 33.41 15.09
N PRO A 560 9.22 34.37 14.35
CA PRO A 560 9.21 34.23 12.90
C PRO A 560 10.59 34.14 12.31
N GLU A 561 11.56 34.86 12.88
CA GLU A 561 12.89 34.82 12.31
C GLU A 561 13.53 33.46 12.55
N GLU A 562 13.47 32.96 13.78
CA GLU A 562 14.04 31.65 14.05
C GLU A 562 13.29 30.58 13.28
N TYR A 563 11.97 30.70 13.20
CA TYR A 563 11.18 29.75 12.43
C TYR A 563 11.66 29.72 10.99
N ALA A 564 11.84 30.90 10.40
CA ALA A 564 12.30 30.97 9.02
C ALA A 564 13.66 30.31 8.87
N HIS A 565 14.57 30.61 9.78
CA HIS A 565 15.92 30.06 9.72
C HIS A 565 15.87 28.54 9.79
N LYS A 566 15.07 28.02 10.70
CA LYS A 566 14.95 26.57 10.88
C LYS A 566 14.42 25.90 9.61
N ILE A 567 13.35 26.46 9.04
CA ILE A 567 12.75 25.82 7.89
C ILE A 567 13.63 25.96 6.66
N LEU A 568 14.33 27.07 6.52
CA LEU A 568 15.25 27.21 5.40
C LEU A 568 16.28 26.11 5.44
N GLU A 569 16.82 25.84 6.62
CA GLU A 569 17.86 24.83 6.70
C GLU A 569 17.30 23.47 6.33
N LEU A 570 16.10 23.16 6.79
CA LEU A 570 15.52 21.87 6.46
C LEU A 570 15.23 21.77 4.96
N GLN A 571 14.77 22.86 4.37
CA GLN A 571 14.50 22.84 2.94
C GLN A 571 15.75 22.52 2.16
N VAL A 572 16.86 23.16 2.51
CA VAL A 572 18.11 22.92 1.81
C VAL A 572 18.55 21.48 2.01
N GLN A 573 18.36 20.96 3.22
CA GLN A 573 18.75 19.59 3.49
C GLN A 573 18.00 18.64 2.58
N SER A 574 16.70 18.85 2.44
CA SER A 574 15.89 17.97 1.62
C SER A 574 16.34 18.01 0.18
N ILE A 575 16.57 19.22 -0.34
CA ILE A 575 16.97 19.37 -1.73
C ILE A 575 18.27 18.64 -1.99
N LEU A 576 19.26 18.90 -1.14
CA LEU A 576 20.56 18.29 -1.33
C LEU A 576 20.46 16.77 -1.25
N GLU A 577 19.62 16.28 -0.35
CA GLU A 577 19.46 14.84 -0.25
C GLU A 577 18.87 14.27 -1.52
N LYS A 578 17.92 14.97 -2.12
CA LYS A 578 17.40 14.51 -3.40
C LYS A 578 18.50 14.49 -4.45
N LYS A 579 19.34 15.51 -4.47
CA LYS A 579 20.39 15.55 -5.46
C LYS A 579 21.35 14.38 -5.28
N MET A 580 21.67 14.05 -4.04
CA MET A 580 22.47 12.87 -3.79
C MET A 580 21.76 11.61 -4.27
N LYS A 581 20.45 11.55 -4.03
CA LYS A 581 19.67 10.42 -4.49
C LYS A 581 19.79 10.27 -6.00
N VAL A 582 19.68 11.38 -6.71
CA VAL A 582 19.71 11.34 -8.16
C VAL A 582 21.09 10.93 -8.66
N LYS A 583 22.14 11.42 -8.00
CA LYS A 583 23.49 11.01 -8.38
C LYS A 583 23.65 9.51 -8.25
N ARG A 584 23.31 8.97 -7.08
CA ARG A 584 23.42 7.53 -6.87
C ARG A 584 22.54 6.77 -7.84
N SER A 585 21.35 7.28 -8.11
CA SER A 585 20.42 6.59 -9.00
C SER A 585 20.96 6.53 -10.42
N ILE A 586 21.47 7.66 -10.92
CA ILE A 586 22.08 7.67 -12.25
C ILE A 586 23.25 6.71 -12.28
N ALA A 587 24.02 6.65 -11.20
CA ALA A 587 25.12 5.70 -11.12
C ALA A 587 24.64 4.27 -11.06
N LYS A 588 23.38 4.04 -10.72
CA LYS A 588 22.88 2.69 -10.51
C LYS A 588 22.98 1.83 -11.77
N GLN A 589 22.24 2.21 -12.81
CA GLN A 589 22.17 1.41 -14.02
C GLN A 589 23.30 1.83 -14.96
N TYR A 590 24.15 0.87 -15.32
CA TYR A 590 25.32 1.17 -16.15
C TYR A 590 25.58 0.17 -17.26
N ASN A 591 25.07 -1.06 -17.19
CA ASN A 591 25.51 -2.12 -18.09
C ASN A 591 24.70 -2.14 -19.38
N ASP A 592 23.40 -2.40 -19.27
CA ASP A 592 22.52 -2.43 -20.43
C ASP A 592 23.05 -3.42 -21.48
N ASN A 593 23.08 -4.68 -21.07
CA ASN A 593 23.62 -5.73 -21.89
C ASN A 593 22.54 -6.58 -22.52
N PRO A 594 22.74 -7.03 -23.75
CA PRO A 594 21.69 -7.83 -24.41
C PRO A 594 21.57 -9.23 -23.85
N SER A 595 22.69 -9.92 -23.68
CA SER A 595 22.65 -11.31 -23.21
C SER A 595 23.98 -11.61 -22.57
N LEU A 596 23.96 -11.82 -21.26
CA LEU A 596 25.15 -12.03 -20.46
C LEU A 596 24.93 -13.14 -19.44
N ILE A 597 23.85 -13.90 -19.58
CA ILE A 597 23.26 -14.63 -18.47
C ILE A 597 22.73 -15.97 -18.95
N THR A 598 22.24 -16.74 -17.99
CA THR A 598 21.39 -17.90 -18.25
C THR A 598 20.42 -18.02 -17.10
N LEU A 599 19.16 -18.26 -17.41
CA LEU A 599 18.13 -18.47 -16.40
C LEU A 599 17.95 -19.96 -16.16
N LEU A 600 17.97 -20.34 -14.89
CA LEU A 600 17.90 -21.73 -14.49
C LEU A 600 16.74 -21.96 -13.55
N CYS A 601 16.13 -23.13 -13.66
CA CYS A 601 15.21 -23.54 -12.61
C CYS A 601 15.96 -23.58 -11.30
N LYS A 602 15.29 -23.17 -10.23
CA LYS A 602 15.97 -22.99 -8.96
C LYS A 602 15.92 -24.22 -8.08
N ASN A 603 14.93 -25.08 -8.28
CA ASN A 603 14.95 -26.38 -7.61
C ASN A 603 16.00 -27.27 -8.26
N CYS A 604 15.83 -27.52 -9.55
CA CYS A 604 16.84 -28.22 -10.34
C CYS A 604 17.69 -27.18 -11.04
N SER A 605 18.96 -27.10 -10.66
CA SER A 605 19.87 -26.09 -11.23
C SER A 605 20.10 -26.51 -12.67
N MET A 606 19.07 -26.26 -13.47
CA MET A 606 19.02 -26.72 -14.86
C MET A 606 18.88 -25.52 -15.77
N LEU A 607 19.52 -25.62 -16.93
CA LEU A 607 19.43 -24.54 -17.90
C LEU A 607 18.00 -24.44 -18.41
N VAL A 608 17.49 -23.22 -18.45
CA VAL A 608 16.14 -22.95 -18.92
C VAL A 608 16.13 -21.99 -20.10
N CYS A 609 16.89 -20.91 -20.01
CA CYS A 609 16.95 -19.94 -21.10
C CYS A 609 18.34 -19.33 -21.18
N SER A 610 18.62 -18.75 -22.33
CA SER A 610 19.76 -17.87 -22.52
C SER A 610 19.30 -16.42 -22.45
N GLY A 611 20.19 -15.50 -22.77
CA GLY A 611 19.89 -14.08 -22.63
C GLY A 611 19.34 -13.46 -23.89
N GLU A 612 19.80 -13.93 -25.04
CA GLU A 612 19.38 -13.35 -26.31
C GLU A 612 18.11 -13.99 -26.86
N ASN A 613 17.85 -15.25 -26.51
CA ASN A 613 16.63 -15.89 -26.96
C ASN A 613 15.39 -15.25 -26.35
N ILE A 614 15.57 -14.46 -25.30
CA ILE A 614 14.45 -13.76 -24.68
C ILE A 614 13.99 -12.61 -25.56
N HIS A 615 12.74 -12.23 -25.39
CA HIS A 615 12.19 -11.05 -26.02
C HIS A 615 11.19 -10.42 -25.08
N VAL A 616 10.64 -9.29 -25.50
CA VAL A 616 9.78 -8.48 -24.65
C VAL A 616 8.54 -8.07 -25.41
N ILE A 617 7.47 -7.84 -24.66
CA ILE A 617 6.25 -7.24 -25.15
C ILE A 617 5.82 -6.18 -24.15
N GLU A 618 5.06 -5.20 -24.63
CA GLU A 618 4.57 -4.13 -23.80
C GLU A 618 5.69 -3.39 -23.10
N LYS A 619 6.94 -3.70 -23.44
CA LYS A 619 8.09 -3.30 -22.66
C LYS A 619 7.83 -3.55 -21.18
N MET A 620 7.01 -4.56 -20.89
CA MET A 620 6.78 -5.04 -19.54
C MET A 620 7.17 -6.51 -19.38
N HIS A 621 6.63 -7.38 -20.20
CA HIS A 621 6.71 -8.81 -19.97
C HIS A 621 7.74 -9.46 -20.87
N HIS A 622 8.37 -10.50 -20.33
CA HIS A 622 9.43 -11.22 -21.01
C HIS A 622 8.96 -12.63 -21.29
N VAL A 623 9.07 -13.04 -22.55
CA VAL A 623 8.68 -14.38 -22.94
C VAL A 623 9.77 -14.95 -23.82
N ASN A 624 9.82 -16.27 -23.89
CA ASN A 624 10.78 -16.97 -24.73
C ASN A 624 10.02 -17.85 -25.72
N MET A 625 10.05 -17.45 -26.98
CA MET A 625 9.73 -18.32 -28.10
C MET A 625 10.99 -19.08 -28.47
N THR A 626 11.10 -19.55 -29.70
CA THR A 626 12.15 -20.48 -30.07
C THR A 626 11.86 -21.83 -29.39
N PRO A 627 10.95 -22.62 -29.97
CA PRO A 627 10.35 -23.75 -29.24
C PRO A 627 11.34 -24.78 -28.78
N GLU A 628 12.62 -24.61 -29.13
CA GLU A 628 13.65 -25.38 -28.44
C GLU A 628 13.40 -25.28 -26.94
N PHE A 629 13.09 -24.08 -26.48
CA PHE A 629 12.61 -23.92 -25.12
C PHE A 629 11.31 -24.67 -24.89
N LYS A 630 10.39 -24.58 -25.84
CA LYS A 630 9.07 -25.12 -25.65
C LYS A 630 9.10 -26.63 -25.45
N GLY A 631 10.18 -27.27 -25.86
CA GLY A 631 10.31 -28.70 -25.62
C GLY A 631 10.33 -29.05 -24.15
N LEU A 632 10.60 -28.07 -23.29
CA LEU A 632 10.79 -28.35 -21.87
C LEU A 632 9.47 -28.41 -21.12
N TYR A 633 8.74 -27.29 -21.10
CA TYR A 633 7.84 -27.04 -20.00
C TYR A 633 6.56 -27.87 -20.11
N ILE A 634 5.80 -27.80 -19.03
CA ILE A 634 4.54 -28.48 -18.86
C ILE A 634 3.53 -27.42 -18.49
N VAL A 635 2.27 -27.73 -18.72
CA VAL A 635 1.20 -26.76 -18.56
C VAL A 635 0.18 -27.31 -17.58
N ARG A 636 -0.50 -26.40 -16.89
CA ARG A 636 -1.40 -26.77 -15.83
C ARG A 636 -2.48 -25.71 -15.72
N GLU A 637 -3.65 -26.13 -15.25
CA GLU A 637 -4.75 -25.20 -15.00
C GLU A 637 -5.85 -25.93 -14.26
N ASN A 638 -6.53 -25.20 -13.38
CA ASN A 638 -7.70 -25.73 -12.68
C ASN A 638 -8.61 -24.59 -12.31
N LYS A 639 -9.85 -24.94 -11.97
CA LYS A 639 -10.83 -23.96 -11.52
C LYS A 639 -12.09 -24.67 -11.03
N ASN A 651 -3.11 -16.64 -19.55
CA ASN A 651 -4.22 -17.55 -19.30
C ASN A 651 -3.80 -18.67 -18.36
N GLY A 652 -3.36 -19.77 -18.95
CA GLY A 652 -2.92 -20.90 -18.18
C GLY A 652 -1.53 -20.74 -17.64
N GLU A 653 -1.15 -21.71 -16.81
CA GLU A 653 0.07 -21.66 -16.03
C GLU A 653 1.10 -22.61 -16.59
N ILE A 654 2.35 -22.21 -16.52
CA ILE A 654 3.47 -23.04 -16.89
C ILE A 654 4.07 -23.64 -15.64
N ILE A 655 4.58 -24.86 -15.75
CA ILE A 655 5.25 -25.53 -14.65
C ILE A 655 6.42 -26.33 -15.21
N CYS A 656 7.32 -26.68 -14.30
CA CYS A 656 8.60 -27.24 -14.69
C CYS A 656 8.48 -28.72 -15.04
N LYS A 657 9.59 -29.27 -15.55
CA LYS A 657 9.71 -30.72 -15.63
C LYS A 657 9.90 -31.35 -14.27
N CYS A 658 10.27 -30.55 -13.26
CA CYS A 658 10.32 -30.99 -11.88
C CYS A 658 9.14 -30.48 -11.07
N GLY A 659 8.18 -29.82 -11.71
CA GLY A 659 7.03 -29.30 -11.02
C GLY A 659 7.18 -27.90 -10.48
N GLN A 660 8.40 -27.36 -10.50
CA GLN A 660 8.61 -25.97 -10.14
C GLN A 660 7.79 -25.04 -11.02
N ALA A 661 7.07 -24.12 -10.40
CA ALA A 661 6.22 -23.19 -11.13
C ALA A 661 7.08 -22.19 -11.90
N TRP A 662 6.75 -21.97 -13.16
CA TRP A 662 7.52 -21.12 -14.06
C TRP A 662 6.83 -19.83 -14.44
N GLY A 663 5.56 -19.87 -14.83
CA GLY A 663 4.89 -18.68 -15.31
C GLY A 663 3.51 -18.90 -15.90
N THR A 664 3.15 -18.09 -16.88
CA THR A 664 1.81 -18.09 -17.46
C THR A 664 1.90 -18.07 -18.97
N MET A 665 0.95 -18.75 -19.62
CA MET A 665 0.85 -18.74 -21.07
C MET A 665 0.03 -17.52 -21.46
N MET A 666 0.72 -16.41 -21.63
CA MET A 666 0.05 -15.16 -21.96
C MET A 666 -0.39 -15.22 -23.41
N VAL A 667 -1.70 -15.24 -23.62
CA VAL A 667 -2.28 -15.35 -24.95
C VAL A 667 -2.69 -13.94 -25.35
N HIS A 668 -1.84 -13.29 -26.12
CA HIS A 668 -2.06 -11.89 -26.41
C HIS A 668 -1.33 -11.51 -27.69
N LYS A 669 -1.94 -10.59 -28.44
CA LYS A 669 -1.42 -10.15 -29.72
C LYS A 669 -1.47 -11.27 -30.75
N GLY A 670 -2.45 -12.16 -30.62
CA GLY A 670 -2.54 -13.28 -31.52
C GLY A 670 -1.41 -14.28 -31.36
N LEU A 671 -1.00 -14.53 -30.12
CA LEU A 671 0.09 -15.46 -29.85
C LEU A 671 -0.11 -16.04 -28.46
N ASP A 672 0.28 -17.30 -28.31
CA ASP A 672 0.26 -17.95 -26.99
C ASP A 672 1.65 -17.86 -26.36
N LEU A 673 2.07 -16.63 -26.11
CA LEU A 673 3.39 -16.39 -25.59
C LEU A 673 3.55 -17.06 -24.22
N PRO A 674 4.60 -17.83 -24.01
CA PRO A 674 4.87 -18.44 -22.71
C PRO A 674 5.58 -17.50 -21.75
N CYS A 675 4.86 -16.65 -21.05
CA CYS A 675 5.52 -15.72 -20.13
C CYS A 675 5.99 -16.44 -18.88
N LEU A 676 6.92 -15.80 -18.19
CA LEU A 676 7.52 -16.36 -16.99
C LEU A 676 7.73 -15.25 -15.98
N LYS A 677 8.12 -15.64 -14.77
CA LYS A 677 8.36 -14.71 -13.69
C LYS A 677 9.72 -14.99 -13.10
N ILE A 678 10.53 -13.94 -13.01
CA ILE A 678 11.93 -14.07 -12.60
C ILE A 678 12.08 -14.44 -11.14
N ARG A 679 11.01 -14.30 -10.33
CA ARG A 679 11.09 -14.80 -8.97
C ARG A 679 11.57 -16.23 -8.93
N ASN A 680 11.02 -17.06 -9.81
CA ASN A 680 11.13 -18.49 -9.72
C ASN A 680 12.37 -19.04 -10.39
N PHE A 681 13.13 -18.20 -11.07
CA PHE A 681 14.34 -18.60 -11.74
C PHE A 681 15.54 -17.97 -11.05
N VAL A 682 16.71 -18.48 -11.40
CA VAL A 682 17.96 -18.06 -10.78
C VAL A 682 18.96 -17.74 -11.87
N VAL A 683 19.88 -16.86 -11.55
CA VAL A 683 20.78 -16.24 -12.52
C VAL A 683 22.08 -16.99 -12.56
N ASN A 684 22.72 -16.96 -13.73
CA ASN A 684 24.13 -17.29 -13.85
C ASN A 684 24.71 -16.41 -14.95
N PHE A 685 25.52 -15.44 -14.55
CA PHE A 685 26.18 -14.57 -15.50
C PHE A 685 27.17 -15.35 -16.36
N LYS A 686 27.46 -14.81 -17.54
CA LYS A 686 28.52 -15.37 -18.36
C LYS A 686 29.88 -15.21 -17.69
N ASN A 687 30.03 -14.19 -16.84
CA ASN A 687 31.27 -14.00 -16.11
C ASN A 687 31.48 -15.08 -15.06
N ASN A 688 30.50 -15.94 -14.84
CA ASN A 688 30.51 -16.96 -13.81
C ASN A 688 30.31 -16.37 -12.43
N SER A 689 29.71 -15.19 -12.35
CA SER A 689 29.43 -14.59 -11.07
C SER A 689 28.44 -15.45 -10.30
N PRO A 690 28.41 -15.35 -8.98
CA PRO A 690 27.56 -16.23 -8.18
C PRO A 690 26.09 -16.05 -8.51
N LYS A 691 25.34 -17.13 -8.33
CA LYS A 691 23.90 -17.13 -8.52
C LYS A 691 23.27 -15.92 -7.82
N LYS A 692 22.16 -15.44 -8.37
CA LYS A 692 21.49 -14.27 -7.83
C LYS A 692 19.99 -14.44 -7.96
N GLN A 693 19.26 -13.88 -7.01
CA GLN A 693 17.81 -13.85 -7.04
C GLN A 693 17.35 -12.41 -6.85
N TYR A 694 16.41 -11.97 -7.66
CA TYR A 694 16.06 -10.56 -7.71
C TYR A 694 14.65 -10.22 -7.29
N LYS A 695 13.67 -11.07 -7.61
CA LYS A 695 12.25 -10.82 -7.37
C LYS A 695 11.66 -9.82 -8.36
N LYS A 696 12.49 -9.21 -9.19
CA LYS A 696 12.00 -8.27 -10.19
C LYS A 696 13.01 -8.14 -11.30
N TRP A 697 12.49 -8.03 -12.52
CA TRP A 697 13.37 -7.92 -13.68
C TRP A 697 14.23 -6.68 -13.59
N VAL A 698 13.64 -5.58 -13.16
CA VAL A 698 14.26 -4.28 -13.29
C VAL A 698 15.55 -4.19 -12.50
N GLU A 699 15.76 -5.08 -11.55
CA GLU A 699 16.96 -5.01 -10.71
C GLU A 699 18.22 -4.96 -11.56
N LEU A 700 18.44 -5.98 -12.38
CA LEU A 700 19.58 -5.94 -13.27
C LEU A 700 19.40 -4.80 -14.26
N PRO A 701 20.47 -4.08 -14.61
CA PRO A 701 20.34 -3.00 -15.60
C PRO A 701 20.35 -3.50 -17.02
N ILE A 702 20.61 -4.79 -17.24
CA ILE A 702 20.75 -5.27 -18.60
C ILE A 702 19.39 -5.26 -19.26
N ARG A 703 19.40 -5.12 -20.57
CA ARG A 703 18.20 -4.87 -21.34
C ARG A 703 18.01 -5.96 -22.38
N PHE A 704 16.78 -6.37 -22.56
CA PHE A 704 16.42 -7.33 -23.57
C PHE A 704 15.68 -6.66 -24.70
N PRO A 705 15.69 -7.24 -25.89
CA PRO A 705 15.06 -6.60 -27.03
C PRO A 705 13.55 -6.67 -26.96
N ASP A 706 12.92 -5.81 -27.74
CA ASP A 706 11.50 -5.88 -27.95
C ASP A 706 11.23 -6.79 -29.13
N LEU A 707 10.09 -7.46 -29.08
CA LEU A 707 9.82 -8.53 -30.03
C LEU A 707 9.50 -7.98 -31.41
N ASP A 708 9.92 -8.71 -32.43
CA ASP A 708 9.65 -8.40 -33.82
C ASP A 708 8.71 -9.47 -34.36
N TYR A 709 7.46 -9.09 -34.58
CA TYR A 709 6.47 -10.04 -35.06
C TYR A 709 6.75 -10.48 -36.50
N SER A 710 7.44 -9.65 -37.29
CA SER A 710 7.82 -10.09 -38.63
C SER A 710 8.54 -11.42 -38.54
N GLU A 711 9.44 -11.54 -37.58
CA GLU A 711 10.03 -12.82 -37.24
C GLU A 711 9.03 -13.63 -36.43
N TYR A 712 8.97 -14.93 -36.68
CA TYR A 712 8.00 -15.82 -36.08
C TYR A 712 6.61 -15.58 -36.64
N CYS A 713 6.51 -14.83 -37.73
CA CYS A 713 5.22 -14.55 -38.34
C CYS A 713 4.53 -15.84 -38.75
N LEU A 714 5.22 -16.69 -39.50
CA LEU A 714 4.70 -17.96 -39.98
C LEU A 714 3.23 -17.87 -40.32
#